data_4IL5
#
_entry.id   4IL5
#
_cell.length_a   80.411
_cell.length_b   80.411
_cell.length_c   112.157
_cell.angle_alpha   90.00
_cell.angle_beta   90.00
_cell.angle_gamma   90.00
#
_symmetry.space_group_name_H-M   'P 41'
#
loop_
_entity.id
_entity.type
_entity.pdbx_description
1 polymer 'Cysteine synthase'
2 non-polymer ISOLEUCINE
3 non-polymer 'SULFATE ION'
4 water water
#
_entity_poly.entity_id   1
_entity_poly.type   'polypeptide(L)'
_entity_poly.pdbx_seq_one_letter_code
;MEQISISSPRKRIYHNILETIGGTPLVELHGVTEHPRIKKGTRILVKLEYFNPMSSV(LLP)DRVGFNIVYQAIKDGRLK
PGMEIIESTSGNTGIALCQAGAVFGYRVNIAMPSTMSVERQMIMKAFGAELILTEGKKGMPGAIEEVNKMIKENPGKYFV
ANQFGNPDNTAAHHYTANEIWEDTDGEVDIVVSAVGTSGTVIGVAEKLKEKKKGIKIIAVEPEESAVLEGKAKGPHGIQG
IGAGFIPDIYKKEFVDEIIPIKTQDAWKMARAVVKYDGIMCGMSSGAAILAGLKEAEKPENEGKTIVIIVPSCGERYLST
DLYKIKDEGTKIQILDSLLNE
;
_entity_poly.pdbx_strand_id   A,B
#
# COMPACT_ATOMS: atom_id res chain seq x y z
N GLU A 2 -8.65 25.71 6.59
CA GLU A 2 -7.37 25.54 5.80
C GLU A 2 -7.50 24.42 4.73
N GLN A 3 -7.20 24.75 3.48
CA GLN A 3 -7.55 23.89 2.35
C GLN A 3 -6.67 22.64 2.21
N ILE A 4 -7.28 21.47 2.32
CA ILE A 4 -6.64 20.20 2.05
C ILE A 4 -7.15 19.70 0.70
N SER A 5 -6.24 19.51 -0.25
CA SER A 5 -6.60 19.11 -1.60
C SER A 5 -6.03 17.73 -1.86
N ILE A 6 -6.85 16.81 -2.36
CA ILE A 6 -6.34 15.48 -2.62
C ILE A 6 -5.64 15.43 -3.96
N SER A 7 -5.08 14.27 -4.34
CA SER A 7 -4.28 14.14 -5.55
C SER A 7 -5.10 14.25 -6.82
N SER A 8 -4.52 14.91 -7.83
CA SER A 8 -5.08 14.99 -9.17
C SER A 8 -4.95 13.68 -9.96
N PRO A 9 -5.74 13.53 -11.04
CA PRO A 9 -5.62 12.34 -11.89
C PRO A 9 -4.20 12.18 -12.40
N ARG A 10 -3.75 10.94 -12.52
CA ARG A 10 -2.41 10.69 -13.06
C ARG A 10 -2.32 11.07 -14.54
N LYS A 11 -3.44 11.06 -15.26
CA LYS A 11 -3.45 11.25 -16.74
C LYS A 11 -2.52 10.29 -17.50
N ARG A 12 -2.67 9.01 -17.20
CA ARG A 12 -1.78 7.98 -17.76
C ARG A 12 -2.56 6.68 -17.62
N ILE A 13 -2.48 5.83 -18.64
CA ILE A 13 -2.89 4.44 -18.51
C ILE A 13 -1.61 3.61 -18.53
N TYR A 14 -1.41 2.82 -17.48
CA TYR A 14 -0.18 2.04 -17.31
C TYR A 14 -0.34 0.69 -18.05
N HIS A 15 0.70 0.30 -18.79
CA HIS A 15 0.61 -0.90 -19.62
C HIS A 15 0.58 -2.17 -18.76
N ASN A 16 1.14 -2.07 -17.56
CA ASN A 16 1.20 -3.15 -16.59
C ASN A 16 1.62 -2.54 -15.26
N ILE A 17 1.59 -3.32 -14.20
CA ILE A 17 1.81 -2.82 -12.83
C ILE A 17 3.22 -2.28 -12.59
N LEU A 18 4.20 -2.77 -13.35
CA LEU A 18 5.58 -2.30 -13.17
C LEU A 18 5.73 -0.84 -13.52
N GLU A 19 4.84 -0.32 -14.37
CA GLU A 19 4.92 1.09 -14.76
C GLU A 19 4.47 2.01 -13.65
N THR A 20 3.82 1.44 -12.63
CA THR A 20 3.37 2.24 -11.45
C THR A 20 4.43 2.30 -10.34
N ILE A 21 5.57 1.66 -10.57
CA ILE A 21 6.68 1.72 -9.61
C ILE A 21 7.30 3.11 -9.68
N GLY A 22 7.79 3.60 -8.55
CA GLY A 22 8.47 4.91 -8.49
C GLY A 22 7.52 6.10 -8.44
N GLY A 23 8.08 7.30 -8.56
CA GLY A 23 7.25 8.53 -8.47
C GLY A 23 6.46 8.53 -7.17
N THR A 24 7.15 8.21 -6.08
CA THR A 24 6.49 8.14 -4.79
C THR A 24 6.39 9.51 -4.11
N PRO A 25 5.39 9.68 -3.21
CA PRO A 25 5.10 11.03 -2.70
C PRO A 25 6.05 11.50 -1.58
N LEU A 26 6.29 12.80 -1.59
CA LEU A 26 7.12 13.40 -0.60
C LEU A 26 6.17 14.22 0.27
N VAL A 27 6.08 13.87 1.55
CA VAL A 27 5.05 14.40 2.44
C VAL A 27 5.68 15.14 3.61
N GLU A 28 5.14 16.30 4.00
CA GLU A 28 5.64 17.02 5.18
C GLU A 28 5.25 16.32 6.46
N LEU A 29 6.17 16.21 7.41
CA LEU A 29 5.79 15.83 8.78
C LEU A 29 5.46 17.10 9.54
N HIS A 30 4.50 17.03 10.45
CA HIS A 30 4.11 18.17 11.32
C HIS A 30 4.01 17.74 12.79
N GLY A 31 3.17 16.74 13.08
CA GLY A 31 2.93 16.33 14.47
C GLY A 31 4.22 15.99 15.22
N VAL A 32 5.07 15.16 14.62
CA VAL A 32 6.28 14.71 15.32
C VAL A 32 7.42 15.74 15.30
N THR A 33 7.21 16.85 14.60
CA THR A 33 8.26 17.88 14.54
C THR A 33 7.99 19.00 15.55
N GLU A 34 6.91 18.90 16.32
CA GLU A 34 6.52 19.99 17.24
C GLU A 34 7.18 19.80 18.63
N HIS A 35 8.45 20.16 18.68
CA HIS A 35 9.29 20.05 19.87
C HIS A 35 10.14 21.31 19.91
N PRO A 36 10.33 21.90 21.10
CA PRO A 36 11.02 23.17 21.18
C PRO A 36 12.38 23.23 20.44
N ARG A 37 13.14 22.14 20.41
CA ARG A 37 14.47 22.14 19.78
C ARG A 37 14.50 22.02 18.25
N ILE A 38 13.33 21.78 17.65
CA ILE A 38 13.20 21.86 16.20
C ILE A 38 12.63 23.20 15.71
N LYS A 39 13.46 23.92 14.98
CA LYS A 39 13.14 25.26 14.45
C LYS A 39 12.03 25.28 13.38
N LYS A 40 11.18 26.30 13.43
CA LYS A 40 10.03 26.41 12.53
C LYS A 40 10.40 26.36 11.03
N GLY A 41 11.49 27.00 10.63
CA GLY A 41 11.90 27.05 9.21
C GLY A 41 12.40 25.75 8.58
N THR A 42 12.75 24.79 9.42
CA THR A 42 13.30 23.53 8.97
C THR A 42 12.15 22.67 8.39
N ARG A 43 12.36 22.08 7.22
CA ARG A 43 11.34 21.28 6.55
C ARG A 43 11.72 19.83 6.62
N ILE A 44 10.87 19.04 7.26
CA ILE A 44 11.12 17.62 7.47
C ILE A 44 10.12 16.82 6.64
N LEU A 45 10.62 16.13 5.62
CA LEU A 45 9.77 15.48 4.62
C LEU A 45 10.04 14.00 4.57
N VAL A 46 9.01 13.17 4.39
CA VAL A 46 9.23 11.73 4.27
C VAL A 46 8.82 11.29 2.88
N LYS A 47 9.63 10.41 2.26
CA LYS A 47 9.35 9.91 0.93
C LYS A 47 8.80 8.51 1.12
N LEU A 48 7.55 8.32 0.73
CA LEU A 48 6.81 7.15 1.17
C LEU A 48 6.93 6.06 0.12
N GLU A 49 7.88 5.17 0.31
CA GLU A 49 8.18 4.13 -0.69
C GLU A 49 7.17 2.98 -0.67
N TYR A 50 6.32 2.94 0.36
CA TYR A 50 5.19 2.03 0.33
C TYR A 50 4.07 2.41 -0.67
N PHE A 51 4.20 3.56 -1.35
CA PHE A 51 3.27 3.85 -2.47
C PHE A 51 3.56 3.01 -3.72
N ASN A 52 4.71 2.36 -3.75
CA ASN A 52 5.00 1.33 -4.78
C ASN A 52 3.94 0.24 -4.79
N PRO A 53 3.74 -0.46 -5.93
CA PRO A 53 2.57 -1.38 -6.00
C PRO A 53 2.56 -2.52 -4.97
N MET A 54 3.73 -3.00 -4.54
CA MET A 54 3.79 -4.00 -3.47
C MET A 54 4.31 -3.41 -2.16
N SER A 55 4.18 -2.10 -2.04
CA SER A 55 4.29 -1.45 -0.74
C SER A 55 5.69 -1.42 -0.11
N SER A 56 6.74 -1.47 -0.93
CA SER A 56 8.08 -1.17 -0.37
C SER A 56 9.00 -0.63 -1.42
N VAL A 57 10.04 0.05 -0.95
CA VAL A 57 11.15 0.49 -1.75
C VAL A 57 11.69 -0.61 -2.69
N ASP A 59 10.35 -2.65 -4.61
CA ASP A 59 9.72 -2.79 -5.95
C ASP A 59 10.66 -2.26 -7.06
N ARG A 60 11.27 -1.12 -6.82
CA ARG A 60 12.27 -0.52 -7.68
C ARG A 60 13.43 -1.45 -7.99
N VAL A 61 13.87 -2.15 -6.97
CA VAL A 61 15.07 -2.98 -7.01
C VAL A 61 14.78 -4.29 -7.77
N GLY A 62 13.73 -5.00 -7.37
CA GLY A 62 13.33 -6.20 -8.07
C GLY A 62 13.03 -5.91 -9.53
N PHE A 63 12.36 -4.79 -9.77
CA PHE A 63 12.12 -4.41 -11.15
C PHE A 63 13.44 -4.17 -11.90
N ASN A 64 14.30 -3.28 -11.38
CA ASN A 64 15.48 -2.91 -12.16
C ASN A 64 16.46 -4.08 -12.34
N ILE A 65 16.65 -4.86 -11.29
CA ILE A 65 17.47 -6.08 -11.39
C ILE A 65 17.00 -6.97 -12.56
N VAL A 66 15.70 -7.28 -12.60
CA VAL A 66 15.18 -8.17 -13.65
C VAL A 66 15.18 -7.50 -15.03
N TYR A 67 14.71 -6.26 -15.08
CA TYR A 67 14.70 -5.49 -16.33
C TYR A 67 16.08 -5.34 -17.03
N GLN A 68 17.08 -4.90 -16.26
CA GLN A 68 18.45 -4.78 -16.74
C GLN A 68 19.04 -6.09 -17.18
N ALA A 69 18.73 -7.15 -16.44
CA ALA A 69 19.24 -8.47 -16.78
C ALA A 69 18.66 -8.92 -18.14
N ILE A 70 17.36 -8.67 -18.32
CA ILE A 70 16.70 -8.95 -19.59
C ILE A 70 17.32 -8.10 -20.70
N LYS A 71 17.51 -6.80 -20.47
CA LYS A 71 18.11 -5.96 -21.47
C LYS A 71 19.57 -6.33 -21.82
N ASP A 72 20.34 -6.78 -20.83
CA ASP A 72 21.76 -7.18 -20.97
C ASP A 72 21.96 -8.56 -21.58
N GLY A 73 20.94 -9.42 -21.46
CA GLY A 73 21.15 -10.81 -21.82
C GLY A 73 21.52 -11.73 -20.66
N ARG A 74 21.64 -11.20 -19.44
CA ARG A 74 21.87 -12.08 -18.26
C ARG A 74 20.64 -12.89 -17.90
N LEU A 75 19.45 -12.40 -18.25
CA LEU A 75 18.24 -13.19 -18.09
C LEU A 75 17.63 -13.42 -19.46
N LYS A 76 17.41 -14.69 -19.80
CA LYS A 76 16.96 -15.08 -21.14
C LYS A 76 15.91 -16.16 -21.00
N PRO A 77 14.95 -16.22 -21.96
CA PRO A 77 13.90 -17.23 -21.88
C PRO A 77 14.49 -18.62 -21.60
N GLY A 78 13.87 -19.37 -20.70
CA GLY A 78 14.42 -20.64 -20.27
C GLY A 78 15.00 -20.61 -18.88
N MET A 79 15.63 -19.48 -18.51
CA MET A 79 16.20 -19.32 -17.19
C MET A 79 15.14 -18.96 -16.16
N GLU A 80 15.48 -19.15 -14.88
CA GLU A 80 14.61 -18.81 -13.76
C GLU A 80 15.34 -17.86 -12.83
N ILE A 81 14.57 -17.05 -12.10
CA ILE A 81 15.13 -16.11 -11.16
C ILE A 81 15.27 -16.86 -9.83
N ILE A 82 16.33 -16.55 -9.10
CA ILE A 82 16.48 -17.13 -7.76
C ILE A 82 17.07 -16.08 -6.84
N GLU A 83 16.69 -16.12 -5.56
CA GLU A 83 17.28 -15.26 -4.56
C GLU A 83 17.01 -15.81 -3.17
N SER A 84 17.97 -15.66 -2.28
CA SER A 84 17.64 -15.98 -0.92
C SER A 84 17.33 -14.69 -0.16
N THR A 85 16.08 -14.55 0.24
CA THR A 85 15.63 -13.32 0.89
C THR A 85 14.34 -13.69 1.59
N SER A 86 14.10 -13.15 2.76
CA SER A 86 12.81 -13.37 3.41
C SER A 86 12.10 -12.03 3.63
N GLY A 87 12.67 -10.99 3.02
CA GLY A 87 12.09 -9.65 3.09
C GLY A 87 11.32 -9.20 1.85
N ASN A 88 11.34 -7.90 1.64
CA ASN A 88 10.58 -7.29 0.56
C ASN A 88 11.16 -7.56 -0.82
N THR A 89 12.44 -7.86 -0.88
CA THR A 89 13.07 -8.10 -2.18
C THR A 89 12.42 -9.31 -2.84
N GLY A 90 12.16 -10.36 -2.05
CA GLY A 90 11.44 -11.54 -2.53
C GLY A 90 10.14 -11.17 -3.25
N ILE A 91 9.30 -10.42 -2.56
CA ILE A 91 8.04 -9.94 -3.14
C ILE A 91 8.29 -9.11 -4.42
N ALA A 92 9.28 -8.23 -4.40
CA ALA A 92 9.53 -7.38 -5.57
C ALA A 92 9.92 -8.19 -6.82
N LEU A 93 10.77 -9.19 -6.61
CA LEU A 93 11.16 -10.14 -7.65
C LEU A 93 9.98 -10.97 -8.18
N CYS A 94 9.10 -11.42 -7.28
CA CYS A 94 7.90 -12.14 -7.68
C CYS A 94 6.97 -11.31 -8.58
N GLN A 95 6.72 -10.06 -8.21
CA GLN A 95 5.96 -9.14 -9.05
C GLN A 95 6.64 -8.95 -10.43
N ALA A 96 7.93 -8.59 -10.44
CA ALA A 96 8.66 -8.45 -11.71
C ALA A 96 8.56 -9.74 -12.55
N GLY A 97 8.82 -10.89 -11.91
CA GLY A 97 8.77 -12.20 -12.57
C GLY A 97 7.42 -12.53 -13.19
N ALA A 98 6.37 -12.19 -12.45
CA ALA A 98 5.00 -12.44 -12.91
C ALA A 98 4.70 -11.67 -14.19
N VAL A 99 5.10 -10.40 -14.25
CA VAL A 99 4.83 -9.54 -15.39
C VAL A 99 5.75 -9.91 -16.58
N PHE A 100 7.05 -10.12 -16.33
CA PHE A 100 7.96 -10.45 -17.43
C PHE A 100 7.77 -11.90 -17.91
N GLY A 101 7.07 -12.72 -17.14
CA GLY A 101 6.85 -14.09 -17.53
C GLY A 101 8.05 -14.99 -17.24
N TYR A 102 8.72 -14.78 -16.09
CA TYR A 102 9.80 -15.68 -15.61
C TYR A 102 9.47 -16.35 -14.30
N ARG A 103 9.92 -17.58 -14.14
CA ARG A 103 9.76 -18.28 -12.87
C ARG A 103 10.66 -17.68 -11.80
N VAL A 104 10.15 -17.61 -10.59
CA VAL A 104 10.88 -17.05 -9.46
C VAL A 104 11.00 -18.07 -8.33
N ASN A 105 12.24 -18.23 -7.89
CA ASN A 105 12.52 -19.17 -6.79
C ASN A 105 13.04 -18.34 -5.65
N ILE A 106 12.40 -18.45 -4.50
CA ILE A 106 12.81 -17.66 -3.36
C ILE A 106 13.17 -18.59 -2.23
N ALA A 107 14.38 -18.43 -1.70
CA ALA A 107 14.82 -19.28 -0.60
C ALA A 107 14.80 -18.49 0.70
N MET A 108 14.23 -19.08 1.74
CA MET A 108 14.23 -18.50 3.10
C MET A 108 14.09 -19.58 4.17
N PRO A 109 14.48 -19.28 5.42
CA PRO A 109 14.25 -20.28 6.47
C PRO A 109 12.76 -20.56 6.69
N SER A 110 12.43 -21.82 6.88
CA SER A 110 11.05 -22.32 6.91
C SER A 110 10.19 -21.65 7.97
N THR A 111 10.83 -21.06 8.97
CA THR A 111 10.11 -20.41 10.07
C THR A 111 9.98 -18.89 9.92
N MET A 112 10.56 -18.31 8.87
CA MET A 112 10.58 -16.84 8.73
C MET A 112 9.49 -16.31 7.82
N SER A 113 8.92 -15.18 8.23
CA SER A 113 7.96 -14.40 7.44
C SER A 113 6.96 -15.26 6.64
N VAL A 114 6.20 -16.06 7.37
CA VAL A 114 5.16 -16.93 6.78
C VAL A 114 3.99 -16.15 6.13
N GLU A 115 3.82 -14.89 6.53
CA GLU A 115 2.89 -14.01 5.82
C GLU A 115 3.53 -13.79 4.46
N ARG A 116 4.81 -13.38 4.47
CA ARG A 116 5.52 -13.08 3.21
C ARG A 116 5.66 -14.30 2.31
N GLN A 117 5.72 -15.48 2.92
CA GLN A 117 5.67 -16.75 2.18
C GLN A 117 4.43 -16.90 1.30
N MET A 118 3.27 -16.67 1.91
CA MET A 118 1.98 -16.73 1.23
C MET A 118 1.91 -15.65 0.13
N ILE A 119 2.38 -14.43 0.43
CA ILE A 119 2.42 -13.38 -0.61
C ILE A 119 3.17 -13.93 -1.83
N MET A 120 4.36 -14.46 -1.59
CA MET A 120 5.19 -14.95 -2.68
C MET A 120 4.58 -16.10 -3.46
N LYS A 121 4.00 -17.06 -2.76
CA LYS A 121 3.29 -18.17 -3.44
C LYS A 121 2.09 -17.68 -4.26
N ALA A 122 1.40 -16.63 -3.80
CA ALA A 122 0.31 -16.03 -4.57
C ALA A 122 0.78 -15.54 -5.96
N PHE A 123 2.00 -15.00 -6.00
CA PHE A 123 2.59 -14.52 -7.24
C PHE A 123 3.11 -15.66 -8.13
N GLY A 124 2.97 -16.88 -7.64
CA GLY A 124 3.39 -18.07 -8.40
C GLY A 124 4.82 -18.51 -8.15
N ALA A 125 5.47 -17.95 -7.14
CA ALA A 125 6.86 -18.28 -6.89
C ALA A 125 7.03 -19.68 -6.29
N GLU A 126 8.17 -20.30 -6.57
CA GLU A 126 8.54 -21.52 -5.87
C GLU A 126 9.32 -21.10 -4.63
N LEU A 127 8.87 -21.55 -3.46
CA LEU A 127 9.60 -21.29 -2.22
C LEU A 127 10.56 -22.43 -1.90
N ILE A 128 11.78 -22.07 -1.53
CA ILE A 128 12.79 -23.04 -1.13
C ILE A 128 12.97 -22.82 0.36
N LEU A 129 12.28 -23.62 1.15
CA LEU A 129 12.28 -23.38 2.59
C LEU A 129 13.38 -24.18 3.28
N THR A 130 14.27 -23.47 3.97
CA THR A 130 15.46 -24.12 4.51
C THR A 130 15.37 -24.28 6.03
N GLU A 131 16.32 -25.00 6.60
CA GLU A 131 16.28 -25.32 8.02
C GLU A 131 16.23 -24.08 8.87
N GLY A 132 15.25 -24.06 9.77
CA GLY A 132 14.92 -22.92 10.58
C GLY A 132 16.09 -22.39 11.37
N LYS A 133 16.74 -23.26 12.14
CA LYS A 133 17.82 -22.82 13.05
C LYS A 133 19.08 -22.35 12.30
N LYS A 134 19.16 -22.68 11.00
CA LYS A 134 20.26 -22.21 10.13
C LYS A 134 20.07 -20.76 9.65
N GLY A 135 18.86 -20.24 9.75
CA GLY A 135 18.55 -18.86 9.35
C GLY A 135 18.93 -18.56 7.90
N MET A 136 19.25 -17.29 7.62
CA MET A 136 19.58 -16.85 6.26
C MET A 136 20.82 -17.49 5.60
N PRO A 137 21.91 -17.73 6.38
CA PRO A 137 23.04 -18.49 5.80
C PRO A 137 22.65 -19.88 5.27
N GLY A 138 21.64 -20.51 5.87
CA GLY A 138 21.11 -21.77 5.35
C GLY A 138 20.43 -21.63 3.99
N ALA A 139 19.68 -20.53 3.81
CA ALA A 139 18.99 -20.26 2.54
C ALA A 139 19.98 -19.96 1.42
N ILE A 140 21.02 -19.18 1.75
CA ILE A 140 22.14 -18.84 0.85
C ILE A 140 22.88 -20.10 0.45
N GLU A 141 23.18 -20.94 1.44
CA GLU A 141 23.83 -22.22 1.19
C GLU A 141 23.00 -23.06 0.19
N GLU A 142 21.69 -23.14 0.39
CA GLU A 142 20.86 -23.89 -0.53
C GLU A 142 20.86 -23.30 -1.94
N VAL A 143 20.79 -21.97 -2.02
CA VAL A 143 20.83 -21.32 -3.34
C VAL A 143 22.18 -21.57 -4.01
N ASN A 144 23.26 -21.43 -3.24
CA ASN A 144 24.59 -21.83 -3.74
C ASN A 144 24.62 -23.27 -4.27
N LYS A 145 24.03 -24.21 -3.53
CA LYS A 145 23.91 -25.60 -3.99
C LYS A 145 23.16 -25.72 -5.33
N MET A 146 21.97 -25.13 -5.42
CA MET A 146 21.16 -25.20 -6.64
C MET A 146 21.84 -24.58 -7.86
N ILE A 147 22.56 -23.50 -7.60
CA ILE A 147 23.35 -22.80 -8.61
C ILE A 147 24.45 -23.72 -9.15
N LYS A 148 25.15 -24.37 -8.22
CA LYS A 148 26.31 -25.21 -8.50
C LYS A 148 25.88 -26.43 -9.31
N GLU A 149 24.79 -27.06 -8.90
CA GLU A 149 24.30 -28.28 -9.55
C GLU A 149 23.61 -28.03 -10.87
N ASN A 150 23.10 -26.81 -11.06
CA ASN A 150 22.37 -26.44 -12.26
C ASN A 150 23.00 -25.27 -13.01
N PRO A 151 24.28 -25.40 -13.45
CA PRO A 151 24.93 -24.23 -14.03
C PRO A 151 24.12 -23.72 -15.21
N GLY A 152 24.07 -22.39 -15.38
CA GLY A 152 23.29 -21.78 -16.45
C GLY A 152 21.77 -21.70 -16.29
N LYS A 153 21.21 -22.39 -15.31
CA LYS A 153 19.76 -22.36 -15.19
C LYS A 153 19.21 -21.08 -14.53
N TYR A 154 19.92 -20.55 -13.54
CA TYR A 154 19.36 -19.50 -12.69
C TYR A 154 20.05 -18.17 -12.88
N PHE A 155 19.26 -17.11 -12.80
CA PHE A 155 19.79 -15.78 -12.64
C PHE A 155 19.65 -15.37 -11.19
N VAL A 156 20.79 -15.09 -10.53
CA VAL A 156 20.76 -14.72 -9.11
C VAL A 156 20.62 -13.22 -8.99
N ALA A 157 19.57 -12.74 -8.32
CA ALA A 157 19.37 -11.31 -8.11
C ALA A 157 20.55 -10.64 -7.38
N ASN A 158 21.11 -11.29 -6.34
CA ASN A 158 22.29 -10.78 -5.64
C ASN A 158 22.11 -9.31 -5.17
N GLN A 159 21.05 -9.06 -4.41
CA GLN A 159 20.67 -7.69 -4.05
C GLN A 159 21.74 -6.85 -3.33
N PHE A 160 22.62 -7.51 -2.56
CA PHE A 160 23.69 -6.84 -1.82
C PHE A 160 24.88 -6.50 -2.70
N GLY A 161 24.97 -7.15 -3.85
CA GLY A 161 26.13 -6.98 -4.74
C GLY A 161 25.84 -6.50 -6.16
N ASN A 162 24.55 -6.32 -6.48
CA ASN A 162 24.12 -5.97 -7.84
C ASN A 162 24.05 -4.46 -8.06
N PRO A 163 24.88 -3.91 -8.98
CA PRO A 163 24.85 -2.47 -9.23
C PRO A 163 23.51 -1.98 -9.80
N ASP A 164 22.65 -2.90 -10.25
CA ASP A 164 21.36 -2.51 -10.78
C ASP A 164 20.41 -2.10 -9.66
N ASN A 165 20.79 -2.46 -8.42
CA ASN A 165 20.07 -2.07 -7.21
C ASN A 165 20.36 -0.57 -7.00
N THR A 166 21.63 -0.23 -6.80
CA THR A 166 22.04 1.16 -6.69
C THR A 166 21.48 2.02 -7.82
N ALA A 167 21.60 1.54 -9.07
CA ALA A 167 21.19 2.32 -10.25
C ALA A 167 19.68 2.69 -10.25
N ALA A 168 18.84 1.83 -9.68
CA ALA A 168 17.40 2.12 -9.61
C ALA A 168 17.13 3.41 -8.80
N HIS A 169 17.99 3.68 -7.81
CA HIS A 169 17.78 4.84 -6.97
C HIS A 169 18.26 6.16 -7.58
N HIS A 170 18.76 6.10 -8.82
CA HIS A 170 18.93 7.35 -9.59
C HIS A 170 17.55 7.95 -9.86
N TYR A 171 16.54 7.09 -10.06
CA TYR A 171 15.15 7.56 -10.16
C TYR A 171 14.68 8.17 -8.84
N THR A 172 14.86 7.43 -7.75
CA THR A 172 14.57 7.94 -6.42
C THR A 172 15.19 9.32 -6.25
N ALA A 173 16.46 9.46 -6.65
CA ALA A 173 17.18 10.76 -6.51
C ALA A 173 16.52 11.87 -7.33
N ASN A 174 16.24 11.57 -8.61
CA ASN A 174 15.56 12.53 -9.49
C ASN A 174 14.22 13.00 -8.91
N GLU A 175 13.45 12.06 -8.37
CA GLU A 175 12.17 12.42 -7.71
C GLU A 175 12.41 13.38 -6.55
N ILE A 176 13.39 13.12 -5.72
CA ILE A 176 13.70 13.99 -4.62
C ILE A 176 14.11 15.42 -5.12
N TRP A 177 14.94 15.46 -6.14
CA TRP A 177 15.45 16.68 -6.68
C TRP A 177 14.33 17.51 -7.26
N GLU A 178 13.53 16.87 -8.05
CA GLU A 178 12.36 17.42 -8.68
C GLU A 178 11.26 17.90 -7.73
N ASP A 179 10.89 17.03 -6.83
CA ASP A 179 9.83 17.31 -5.91
C ASP A 179 10.17 18.47 -4.99
N THR A 180 11.44 18.66 -4.64
CA THR A 180 11.86 19.76 -3.76
C THR A 180 12.31 20.94 -4.56
N ASP A 181 12.20 20.87 -5.89
CA ASP A 181 12.66 21.96 -6.75
C ASP A 181 14.12 22.34 -6.43
N GLY A 182 14.96 21.32 -6.28
CA GLY A 182 16.37 21.56 -5.97
C GLY A 182 16.71 21.95 -4.54
N GLU A 183 15.72 22.07 -3.67
CA GLU A 183 15.95 22.64 -2.34
C GLU A 183 16.44 21.64 -1.29
N VAL A 184 16.32 20.34 -1.60
CA VAL A 184 16.81 19.28 -0.69
C VAL A 184 18.23 19.60 -0.20
N ASP A 185 18.43 19.54 1.12
CA ASP A 185 19.74 19.78 1.74
C ASP A 185 20.33 18.54 2.39
N ILE A 186 19.47 17.64 2.91
CA ILE A 186 19.91 16.47 3.66
C ILE A 186 19.00 15.31 3.25
N VAL A 187 19.60 14.15 3.00
CA VAL A 187 18.81 12.91 2.76
C VAL A 187 19.22 11.91 3.81
N VAL A 188 18.22 11.33 4.47
CA VAL A 188 18.42 10.37 5.54
C VAL A 188 17.90 9.01 5.07
N SER A 189 18.75 8.00 5.11
CA SER A 189 18.34 6.69 4.62
C SER A 189 18.86 5.60 5.53
N ALA A 190 17.95 4.77 6.06
CA ALA A 190 18.32 3.59 6.83
C ALA A 190 18.80 2.46 5.90
N VAL A 191 19.92 1.82 6.25
CA VAL A 191 20.64 1.01 5.27
C VAL A 191 20.39 -0.48 5.44
N GLY A 192 19.88 -1.11 4.38
CA GLY A 192 19.82 -2.58 4.28
C GLY A 192 20.90 -3.05 3.33
N THR A 193 20.57 -3.04 2.04
CA THR A 193 21.52 -3.27 0.95
C THR A 193 22.41 -2.06 0.69
N SER A 194 21.97 -0.88 1.14
CA SER A 194 22.57 0.40 0.79
C SER A 194 22.28 0.86 -0.65
N GLY A 195 21.45 0.14 -1.41
CA GLY A 195 21.06 0.64 -2.74
C GLY A 195 20.52 2.09 -2.69
N THR A 196 19.61 2.34 -1.75
CA THR A 196 18.97 3.65 -1.61
C THR A 196 19.96 4.77 -1.29
N VAL A 197 20.72 4.65 -0.21
CA VAL A 197 21.58 5.74 0.20
C VAL A 197 22.68 6.03 -0.83
N ILE A 198 23.25 5.00 -1.45
CA ILE A 198 24.32 5.23 -2.43
C ILE A 198 23.80 5.74 -3.76
N GLY A 199 22.74 5.12 -4.25
CA GLY A 199 22.14 5.50 -5.55
C GLY A 199 21.58 6.91 -5.52
N VAL A 200 20.94 7.27 -4.41
CA VAL A 200 20.50 8.65 -4.18
C VAL A 200 21.71 9.64 -4.11
N ALA A 201 22.72 9.32 -3.28
CA ALA A 201 23.93 10.15 -3.18
C ALA A 201 24.63 10.37 -4.55
N GLU A 202 24.85 9.29 -5.29
CA GLU A 202 25.49 9.35 -6.61
C GLU A 202 24.83 10.42 -7.48
N LYS A 203 23.50 10.37 -7.60
CA LYS A 203 22.78 11.27 -8.46
C LYS A 203 22.64 12.70 -7.91
N LEU A 204 22.31 12.83 -6.62
CA LEU A 204 22.17 14.18 -6.03
C LEU A 204 23.49 15.00 -5.92
N LYS A 205 24.58 14.33 -5.57
CA LYS A 205 25.89 14.98 -5.52
C LYS A 205 26.32 15.56 -6.88
N GLU A 206 25.76 15.04 -7.97
CA GLU A 206 25.85 15.64 -9.31
C GLU A 206 25.07 16.96 -9.41
N LYS A 207 23.97 17.08 -8.68
CA LYS A 207 23.08 18.23 -8.85
C LYS A 207 23.59 19.49 -8.17
N LYS A 208 24.23 19.33 -7.02
CA LYS A 208 24.41 20.47 -6.11
C LYS A 208 25.47 20.07 -5.11
N LYS A 209 26.52 20.89 -4.99
CA LYS A 209 27.45 20.74 -3.88
C LYS A 209 26.68 21.01 -2.59
N GLY A 210 26.96 20.22 -1.56
CA GLY A 210 26.51 20.52 -0.22
C GLY A 210 25.31 19.73 0.27
N ILE A 211 24.89 18.68 -0.44
CA ILE A 211 23.79 17.82 0.04
C ILE A 211 24.36 16.78 1.00
N LYS A 212 23.96 16.84 2.25
CA LYS A 212 24.46 15.93 3.28
C LYS A 212 23.73 14.60 3.18
N ILE A 213 24.48 13.51 3.03
CA ILE A 213 23.93 12.17 2.92
C ILE A 213 24.18 11.40 4.24
N ILE A 214 23.10 10.92 4.86
CA ILE A 214 23.18 10.32 6.19
C ILE A 214 22.65 8.89 6.12
N ALA A 215 23.50 7.93 6.51
CA ALA A 215 23.10 6.53 6.58
C ALA A 215 22.60 6.23 7.99
N VAL A 216 21.64 5.32 8.13
CA VAL A 216 21.16 4.99 9.49
C VAL A 216 21.25 3.50 9.66
N GLU A 217 21.72 3.07 10.84
CA GLU A 217 21.92 1.63 11.14
C GLU A 217 21.57 1.36 12.62
N PRO A 218 21.29 0.11 12.98
CA PRO A 218 20.94 -0.17 14.36
C PRO A 218 22.16 0.05 15.27
N GLU A 219 21.92 0.73 16.39
CA GLU A 219 22.93 0.93 17.42
C GLU A 219 23.59 -0.41 17.87
N GLU A 220 22.80 -1.50 17.81
CA GLU A 220 23.24 -2.80 18.29
C GLU A 220 24.05 -3.55 17.25
N SER A 221 24.13 -3.01 16.04
CA SER A 221 24.82 -3.68 14.95
C SER A 221 25.43 -2.65 13.99
N ALA A 222 26.29 -1.80 14.54
CA ALA A 222 26.80 -0.64 13.83
C ALA A 222 27.99 -0.97 12.93
N VAL A 223 27.79 -1.82 11.93
CA VAL A 223 28.91 -2.31 11.12
C VAL A 223 29.49 -1.25 10.16
N LEU A 224 28.64 -0.37 9.62
CA LEU A 224 29.12 0.73 8.80
C LEU A 224 30.08 1.63 9.58
N GLU A 225 29.84 1.76 10.87
CA GLU A 225 30.68 2.56 11.76
C GLU A 225 31.87 1.77 12.27
N GLY A 226 31.98 0.52 11.82
CA GLY A 226 33.13 -0.29 12.15
C GLY A 226 32.96 -1.04 13.46
N LYS A 227 31.74 -1.07 14.00
CA LYS A 227 31.49 -1.87 15.21
C LYS A 227 31.10 -3.29 14.83
N ALA A 228 30.96 -4.15 15.83
CA ALA A 228 30.64 -5.55 15.58
C ALA A 228 29.18 -5.75 15.28
N LYS A 229 28.89 -6.71 14.40
CA LYS A 229 27.55 -7.19 14.18
C LYS A 229 26.90 -7.62 15.51
N GLY A 230 25.58 -7.46 15.62
CA GLY A 230 24.87 -7.92 16.80
C GLY A 230 23.38 -8.03 16.55
N PRO A 231 22.64 -8.64 17.49
CA PRO A 231 21.19 -8.81 17.35
C PRO A 231 20.44 -7.50 17.60
N HIS A 232 19.47 -7.21 16.74
CA HIS A 232 18.66 -5.99 16.84
C HIS A 232 17.27 -6.33 16.30
N GLY A 233 16.30 -5.46 16.51
CA GLY A 233 14.95 -5.74 16.01
C GLY A 233 14.43 -4.73 14.98
N ILE A 234 15.33 -4.06 14.26
CA ILE A 234 14.89 -3.11 13.23
C ILE A 234 14.88 -3.85 11.90
N GLN A 235 13.75 -4.49 11.60
CA GLN A 235 13.63 -5.31 10.41
C GLN A 235 13.89 -4.49 9.14
N GLY A 236 14.56 -5.12 8.18
CA GLY A 236 14.87 -4.52 6.89
C GLY A 236 16.20 -3.82 6.85
N ILE A 237 16.78 -3.52 8.02
CA ILE A 237 18.13 -2.94 8.03
C ILE A 237 19.10 -3.77 8.88
N GLY A 238 20.31 -3.27 9.05
CA GLY A 238 21.31 -3.90 9.91
C GLY A 238 21.61 -5.30 9.40
N ALA A 239 22.18 -5.39 8.20
CA ALA A 239 22.43 -6.71 7.61
C ALA A 239 23.51 -7.49 8.35
N GLY A 240 24.36 -6.81 9.10
CA GLY A 240 25.43 -7.48 9.83
C GLY A 240 26.75 -7.51 9.12
N PHE A 241 26.81 -6.91 7.93
CA PHE A 241 28.03 -6.76 7.15
C PHE A 241 27.88 -5.50 6.31
N ILE A 242 28.98 -5.04 5.71
CA ILE A 242 28.96 -3.89 4.78
C ILE A 242 28.71 -4.45 3.36
N PRO A 243 27.56 -4.08 2.74
CA PRO A 243 27.23 -4.63 1.42
C PRO A 243 28.28 -4.23 0.39
N ASP A 244 28.53 -5.14 -0.55
CA ASP A 244 29.44 -4.89 -1.65
C ASP A 244 29.14 -3.61 -2.45
N ILE A 245 27.87 -3.21 -2.52
CA ILE A 245 27.47 -2.00 -3.22
C ILE A 245 27.57 -0.70 -2.38
N TYR A 246 27.95 -0.82 -1.11
CA TYR A 246 28.14 0.38 -0.27
C TYR A 246 29.41 1.13 -0.68
N LYS A 247 29.32 2.46 -0.76
CA LYS A 247 30.47 3.29 -1.11
C LYS A 247 30.57 4.40 -0.08
N LYS A 248 31.45 4.21 0.89
CA LYS A 248 31.56 5.07 2.05
C LYS A 248 31.84 6.53 1.67
N GLU A 249 32.44 6.75 0.52
CA GLU A 249 32.76 8.11 0.11
C GLU A 249 31.51 8.93 -0.17
N PHE A 250 30.40 8.29 -0.48
CA PHE A 250 29.16 9.04 -0.77
C PHE A 250 28.33 9.38 0.46
N VAL A 251 28.77 8.89 1.62
CA VAL A 251 28.06 9.03 2.89
C VAL A 251 28.76 10.02 3.84
N ASP A 252 28.07 11.07 4.24
CA ASP A 252 28.65 12.07 5.11
C ASP A 252 28.64 11.70 6.59
N GLU A 253 27.57 11.05 7.06
CA GLU A 253 27.47 10.76 8.47
C GLU A 253 26.68 9.47 8.58
N ILE A 254 26.96 8.71 9.62
CA ILE A 254 26.17 7.53 9.93
C ILE A 254 25.60 7.73 11.33
N ILE A 255 24.30 7.48 11.49
CA ILE A 255 23.66 7.65 12.78
C ILE A 255 23.20 6.29 13.29
N PRO A 256 23.68 5.86 14.49
CA PRO A 256 23.15 4.64 15.07
C PRO A 256 21.82 4.92 15.79
N ILE A 257 20.83 4.05 15.64
CA ILE A 257 19.54 4.25 16.34
C ILE A 257 19.20 2.97 17.07
N LYS A 258 18.73 3.06 18.32
CA LYS A 258 18.42 1.84 19.09
C LYS A 258 17.08 1.28 18.63
N THR A 259 16.99 -0.04 18.58
CA THR A 259 15.77 -0.73 18.20
C THR A 259 14.51 -0.19 18.85
N GLN A 260 14.53 -0.03 20.17
CA GLN A 260 13.30 0.37 20.86
C GLN A 260 12.92 1.79 20.53
N ASP A 261 13.92 2.64 20.25
CA ASP A 261 13.67 4.01 19.80
C ASP A 261 13.05 4.09 18.39
N ALA A 262 13.55 3.24 17.49
CA ALA A 262 13.02 3.12 16.13
C ALA A 262 11.54 2.77 16.20
N TRP A 263 11.21 1.74 16.99
CA TRP A 263 9.80 1.35 17.13
C TRP A 263 8.95 2.46 17.73
N LYS A 264 9.46 3.10 18.78
CA LYS A 264 8.71 4.17 19.46
C LYS A 264 8.45 5.35 18.52
N MET A 265 9.47 5.71 17.75
CA MET A 265 9.33 6.76 16.70
C MET A 265 8.21 6.39 15.70
N ALA A 266 8.24 5.16 15.16
CA ALA A 266 7.20 4.70 14.22
C ALA A 266 5.81 4.75 14.84
N ARG A 267 5.70 4.42 16.13
CA ARG A 267 4.43 4.56 16.83
C ARG A 267 3.98 6.01 16.90
N ALA A 268 4.92 6.92 17.14
CA ALA A 268 4.58 8.36 17.23
C ALA A 268 4.14 8.92 15.88
N VAL A 269 4.84 8.50 14.82
CA VAL A 269 4.53 8.97 13.47
C VAL A 269 3.12 8.59 13.05
N VAL A 270 2.70 7.36 13.29
CA VAL A 270 1.33 6.99 12.90
C VAL A 270 0.32 7.76 13.74
N LYS A 271 0.59 7.86 15.04
CA LYS A 271 -0.38 8.47 15.96
C LYS A 271 -0.51 9.99 15.76
N TYR A 272 0.60 10.68 15.49
CA TYR A 272 0.56 12.14 15.42
C TYR A 272 0.63 12.74 14.04
N ASP A 273 1.14 11.97 13.07
CA ASP A 273 1.06 12.41 11.69
C ASP A 273 0.13 11.57 10.86
N GLY A 274 -0.30 10.43 11.40
CA GLY A 274 -1.24 9.56 10.68
C GLY A 274 -0.58 8.87 9.52
N ILE A 275 0.72 8.64 9.63
CA ILE A 275 1.47 8.03 8.55
C ILE A 275 1.91 6.68 9.12
N MET A 276 1.43 5.59 8.55
CA MET A 276 1.76 4.31 9.16
C MET A 276 3.07 3.74 8.62
N CYS A 277 4.19 4.20 9.13
CA CYS A 277 5.50 3.79 8.59
C CYS A 277 6.01 2.53 9.33
N GLY A 278 6.97 1.83 8.72
CA GLY A 278 7.52 0.61 9.33
C GLY A 278 8.64 0.89 10.32
N MET A 279 9.30 -0.18 10.77
CA MET A 279 10.35 -0.07 11.79
C MET A 279 11.55 0.74 11.31
N SER A 280 12.05 0.39 10.15
CA SER A 280 13.24 1.06 9.62
C SER A 280 12.93 2.54 9.36
N SER A 281 11.67 2.84 9.01
CA SER A 281 11.20 4.24 8.89
C SER A 281 11.24 4.96 10.22
N GLY A 282 10.88 4.25 11.29
CA GLY A 282 11.04 4.80 12.63
C GLY A 282 12.49 5.21 12.86
N ALA A 283 13.42 4.35 12.46
CA ALA A 283 14.84 4.69 12.63
C ALA A 283 15.26 5.92 11.82
N ALA A 284 14.90 5.94 10.54
CA ALA A 284 15.29 7.04 9.66
C ALA A 284 14.68 8.35 10.13
N ILE A 285 13.41 8.32 10.52
CA ILE A 285 12.73 9.55 10.97
C ILE A 285 13.37 10.10 12.25
N LEU A 286 13.68 9.21 13.19
CA LEU A 286 14.31 9.66 14.44
C LEU A 286 15.64 10.30 14.10
N ALA A 287 16.46 9.64 13.28
CA ALA A 287 17.71 10.24 12.85
C ALA A 287 17.49 11.61 12.21
N GLY A 288 16.47 11.73 11.36
CA GLY A 288 16.19 12.96 10.64
C GLY A 288 15.77 14.07 11.58
N LEU A 289 14.92 13.74 12.56
CA LEU A 289 14.53 14.71 13.60
C LEU A 289 15.74 15.17 14.44
N LYS A 290 16.64 14.25 14.75
CA LYS A 290 17.90 14.63 15.43
C LYS A 290 18.69 15.62 14.59
N GLU A 291 18.75 15.39 13.27
CA GLU A 291 19.36 16.39 12.37
C GLU A 291 18.67 17.72 12.42
N ALA A 292 17.33 17.70 12.42
CA ALA A 292 16.55 18.93 12.40
C ALA A 292 16.77 19.74 13.69
N GLU A 293 17.30 19.10 14.73
CA GLU A 293 17.59 19.76 16.00
C GLU A 293 18.87 20.59 16.00
N LYS A 294 19.80 20.25 15.09
CA LYS A 294 21.12 20.88 15.07
C LYS A 294 21.00 22.31 14.56
N PRO A 295 21.57 23.30 15.29
CA PRO A 295 21.38 24.70 14.91
C PRO A 295 21.92 25.02 13.51
N GLU A 296 22.96 24.30 13.08
CA GLU A 296 23.50 24.50 11.73
C GLU A 296 22.50 24.04 10.64
N ASN A 297 21.45 23.35 11.04
CA ASN A 297 20.44 22.84 10.09
C ASN A 297 19.16 23.63 10.02
N GLU A 298 19.09 24.76 10.73
CA GLU A 298 17.91 25.65 10.70
C GLU A 298 17.55 26.09 9.27
N GLY A 299 16.28 25.98 8.91
CA GLY A 299 15.82 26.37 7.58
C GLY A 299 16.14 25.40 6.46
N LYS A 300 16.81 24.29 6.77
CA LYS A 300 17.15 23.33 5.73
C LYS A 300 15.99 22.39 5.38
N THR A 301 16.03 21.79 4.20
CA THR A 301 15.06 20.77 3.78
C THR A 301 15.66 19.38 3.93
N ILE A 302 15.06 18.61 4.84
CA ILE A 302 15.54 17.29 5.21
C ILE A 302 14.58 16.26 4.62
N VAL A 303 15.12 15.33 3.83
CA VAL A 303 14.32 14.29 3.18
C VAL A 303 14.68 12.96 3.81
N ILE A 304 13.65 12.28 4.29
CA ILE A 304 13.82 11.01 4.97
C ILE A 304 13.13 9.91 4.17
N ILE A 305 13.87 8.88 3.81
CA ILE A 305 13.26 7.72 3.16
C ILE A 305 12.44 6.87 4.13
N VAL A 306 11.23 6.52 3.71
CA VAL A 306 10.33 5.66 4.45
C VAL A 306 10.08 4.40 3.61
N PRO A 307 10.81 3.32 3.91
CA PRO A 307 10.84 2.20 2.98
C PRO A 307 9.61 1.31 2.96
N SER A 308 8.78 1.33 4.02
CA SER A 308 7.72 0.32 4.14
C SER A 308 6.61 0.79 5.07
N CYS A 309 5.46 0.12 5.02
CA CYS A 309 4.26 0.52 5.75
C CYS A 309 4.18 -0.36 6.99
N GLY A 310 3.76 0.20 8.13
CA GLY A 310 3.55 -0.57 9.36
C GLY A 310 2.64 -1.80 9.29
N GLU A 311 1.75 -1.84 8.30
CA GLU A 311 0.80 -2.95 8.15
C GLU A 311 1.51 -4.30 7.94
N ARG A 312 2.72 -4.25 7.39
CA ARG A 312 3.55 -5.44 7.20
C ARG A 312 4.18 -5.92 8.53
N TYR A 313 3.83 -5.28 9.66
CA TYR A 313 4.55 -5.50 10.92
C TYR A 313 3.63 -5.87 12.08
N LEU A 314 2.39 -6.20 11.75
CA LEU A 314 1.35 -6.44 12.75
C LEU A 314 1.68 -7.66 13.63
N SER A 315 2.46 -8.61 13.09
CA SER A 315 2.89 -9.79 13.87
C SER A 315 4.06 -9.52 14.80
N THR A 316 4.71 -8.37 14.64
CA THR A 316 5.89 -8.08 15.46
C THR A 316 5.45 -7.33 16.72
N ASP A 317 6.40 -6.94 17.56
CA ASP A 317 6.10 -6.15 18.75
C ASP A 317 5.98 -4.64 18.50
N LEU A 318 5.95 -4.23 17.24
CA LEU A 318 5.99 -2.80 16.91
C LEU A 318 4.91 -2.03 17.67
N TYR A 319 3.66 -2.49 17.56
CA TYR A 319 2.53 -1.82 18.18
C TYR A 319 2.05 -2.49 19.48
N LYS A 320 2.76 -3.49 19.96
CA LYS A 320 2.29 -4.17 21.16
C LYS A 320 2.60 -3.30 22.41
N ILE A 321 3.78 -2.71 22.42
CA ILE A 321 4.21 -1.82 23.49
C ILE A 321 3.47 -0.47 23.37
N LYS A 322 2.73 -0.08 24.41
CA LYS A 322 1.94 1.16 24.34
C LYS A 322 2.54 2.27 25.20
N ASP A 323 2.79 3.43 24.58
CA ASP A 323 3.53 4.49 25.25
C ASP A 323 2.62 5.31 26.14
N GLU A 324 3.00 5.47 27.40
CA GLU A 324 2.28 6.38 28.27
C GLU A 324 2.80 7.79 28.04
N GLY A 325 1.93 8.78 28.15
CA GLY A 325 2.37 10.15 28.04
C GLY A 325 1.81 10.86 26.85
N THR A 326 1.80 12.19 26.93
CA THR A 326 1.27 13.04 25.88
C THR A 326 2.27 13.13 24.75
N LYS A 327 1.84 13.72 23.64
CA LYS A 327 2.69 13.89 22.47
C LYS A 327 4.06 14.47 22.87
N ILE A 328 4.03 15.57 23.62
CA ILE A 328 5.27 16.29 23.95
C ILE A 328 6.22 15.43 24.80
N GLN A 329 5.68 14.64 25.71
CA GLN A 329 6.48 13.72 26.51
C GLN A 329 7.14 12.65 25.65
N ILE A 330 6.37 12.13 24.69
CA ILE A 330 6.89 11.13 23.77
C ILE A 330 8.02 11.70 22.93
N LEU A 331 7.80 12.86 22.31
CA LEU A 331 8.83 13.43 21.45
C LEU A 331 10.06 13.82 22.28
N ASP A 332 9.82 14.36 23.47
CA ASP A 332 10.93 14.79 24.33
C ASP A 332 11.73 13.54 24.74
N SER A 333 11.05 12.42 24.99
CA SER A 333 11.78 11.21 25.39
C SER A 333 12.59 10.68 24.21
N LEU A 334 12.10 10.90 22.98
CA LEU A 334 12.85 10.40 21.80
C LEU A 334 14.07 11.26 21.44
N LEU A 335 14.04 12.54 21.73
CA LEU A 335 15.19 13.34 21.44
C LEU A 335 16.16 13.48 22.59
N ASN A 336 15.92 12.67 23.62
CA ASN A 336 16.63 12.67 24.90
C ASN A 336 18.14 12.72 24.96
N GLU A 337 18.78 11.96 24.09
CA GLU A 337 20.20 11.94 23.81
C GLU A 337 20.72 10.54 23.77
N GLU B 2 8.61 -3.16 -26.38
CA GLU B 2 8.76 -3.74 -25.01
C GLU B 2 9.65 -2.85 -24.10
N GLN B 3 9.70 -1.55 -24.42
CA GLN B 3 10.28 -0.52 -23.56
C GLN B 3 9.36 -0.35 -22.35
N ILE B 4 9.92 -0.20 -21.16
CA ILE B 4 9.08 -0.08 -19.97
C ILE B 4 9.55 1.04 -19.03
N SER B 5 8.72 2.07 -18.92
CA SER B 5 9.07 3.25 -18.15
C SER B 5 8.33 3.23 -16.84
N ILE B 6 9.07 3.44 -15.77
CA ILE B 6 8.45 3.59 -14.46
C ILE B 6 7.86 5.00 -14.30
N SER B 7 7.21 5.27 -13.18
CA SER B 7 6.50 6.55 -12.99
C SER B 7 7.41 7.72 -12.78
N SER B 8 7.02 8.88 -13.33
CA SER B 8 7.78 10.11 -13.21
C SER B 8 7.58 10.74 -11.85
N PRO B 9 8.42 11.71 -11.49
CA PRO B 9 8.22 12.39 -10.22
C PRO B 9 6.83 13.01 -10.16
N ARG B 10 6.25 13.08 -8.97
CA ARG B 10 4.95 13.77 -8.80
C ARG B 10 5.04 15.30 -8.93
N LYS B 11 6.22 15.86 -8.67
CA LYS B 11 6.42 17.33 -8.67
C LYS B 11 5.42 18.03 -7.74
N ARG B 12 5.25 17.48 -6.54
CA ARG B 12 4.38 18.06 -5.51
C ARG B 12 5.06 17.71 -4.19
N ILE B 13 4.87 18.57 -3.19
CA ILE B 13 5.19 18.26 -1.81
C ILE B 13 3.82 18.30 -1.17
N TYR B 14 3.40 17.17 -0.61
CA TYR B 14 2.12 17.03 0.06
C TYR B 14 2.22 17.59 1.48
N HIS B 15 1.20 18.34 1.90
CA HIS B 15 1.18 18.99 3.25
C HIS B 15 0.93 18.01 4.41
N ASN B 16 0.26 16.91 4.08
CA ASN B 16 0.03 15.82 5.03
C ASN B 16 -0.39 14.60 4.21
N ILE B 17 -0.61 13.48 4.89
CA ILE B 17 -0.88 12.21 4.22
C ILE B 17 -2.22 12.19 3.44
N LEU B 18 -3.17 13.03 3.87
CA LEU B 18 -4.53 13.05 3.29
C LEU B 18 -4.48 13.61 1.87
N GLU B 19 -3.50 14.46 1.58
CA GLU B 19 -3.31 15.00 0.24
C GLU B 19 -2.82 13.94 -0.76
N THR B 20 -2.34 12.80 -0.26
CA THR B 20 -1.92 11.69 -1.16
C THR B 20 -3.06 10.73 -1.46
N ILE B 21 -4.24 10.97 -0.87
CA ILE B 21 -5.44 10.22 -1.21
C ILE B 21 -5.85 10.52 -2.67
N GLY B 22 -6.30 9.51 -3.39
CA GLY B 22 -6.89 9.69 -4.75
C GLY B 22 -5.83 9.66 -5.84
N GLY B 23 -6.20 10.06 -7.06
CA GLY B 23 -5.26 10.02 -8.20
C GLY B 23 -4.65 8.62 -8.30
N THR B 24 -5.49 7.59 -8.17
CA THR B 24 -5.03 6.20 -8.21
C THR B 24 -4.82 5.75 -9.67
N PRO B 25 -3.91 4.78 -9.90
CA PRO B 25 -3.49 4.40 -11.25
C PRO B 25 -4.48 3.49 -11.94
N LEU B 26 -4.66 3.74 -13.22
CA LEU B 26 -5.44 2.91 -14.06
C LEU B 26 -4.50 2.05 -14.91
N VAL B 27 -4.59 0.72 -14.74
CA VAL B 27 -3.62 -0.24 -15.31
C VAL B 27 -4.32 -1.25 -16.25
N GLU B 28 -3.72 -1.48 -17.40
CA GLU B 28 -4.25 -2.48 -18.35
C GLU B 28 -4.08 -3.89 -17.80
N LEU B 29 -5.12 -4.70 -17.91
CA LEU B 29 -4.98 -6.14 -17.71
C LEU B 29 -4.52 -6.79 -19.01
N HIS B 30 -3.65 -7.78 -18.92
CA HIS B 30 -3.25 -8.52 -20.11
C HIS B 30 -3.26 -10.01 -19.91
N GLY B 31 -2.76 -10.46 -18.77
CA GLY B 31 -2.64 -11.89 -18.51
C GLY B 31 -3.99 -12.59 -18.45
N VAL B 32 -4.91 -12.06 -17.67
CA VAL B 32 -6.24 -12.69 -17.53
C VAL B 32 -7.18 -12.34 -18.70
N THR B 33 -6.76 -11.46 -19.59
CA THR B 33 -7.58 -11.12 -20.75
C THR B 33 -7.18 -11.93 -21.98
N GLU B 34 -6.14 -12.75 -21.87
CA GLU B 34 -5.64 -13.52 -23.02
C GLU B 34 -6.57 -14.72 -23.24
N HIS B 35 -7.59 -14.50 -24.06
CA HIS B 35 -8.68 -15.44 -24.23
C HIS B 35 -9.26 -15.23 -25.62
N PRO B 36 -9.53 -16.31 -26.37
CA PRO B 36 -9.89 -16.13 -27.78
C PRO B 36 -11.16 -15.27 -27.98
N ARG B 37 -12.07 -15.34 -27.02
CA ARG B 37 -13.34 -14.57 -27.05
C ARG B 37 -13.23 -13.06 -26.68
N ILE B 38 -12.17 -12.68 -25.96
CA ILE B 38 -11.99 -11.26 -25.65
C ILE B 38 -11.19 -10.68 -26.79
N LYS B 39 -11.81 -9.83 -27.59
CA LYS B 39 -11.14 -9.35 -28.78
C LYS B 39 -10.04 -8.31 -28.54
N LYS B 40 -9.09 -8.31 -29.49
CA LYS B 40 -7.89 -7.46 -29.45
C LYS B 40 -8.14 -5.97 -29.11
N GLY B 41 -9.15 -5.36 -29.70
CA GLY B 41 -9.43 -3.94 -29.46
C GLY B 41 -10.07 -3.61 -28.11
N THR B 42 -10.64 -4.60 -27.46
CA THR B 42 -11.37 -4.41 -26.21
C THR B 42 -10.36 -4.12 -25.10
N ARG B 43 -10.55 -3.02 -24.38
CA ARG B 43 -9.57 -2.66 -23.35
C ARG B 43 -10.11 -2.84 -21.93
N ILE B 44 -9.39 -3.62 -21.13
CA ILE B 44 -9.81 -3.94 -19.78
C ILE B 44 -8.82 -3.33 -18.78
N LEU B 45 -9.29 -2.32 -18.05
CA LEU B 45 -8.44 -1.51 -17.17
C LEU B 45 -8.86 -1.63 -15.72
N VAL B 46 -7.90 -1.66 -14.79
CA VAL B 46 -8.30 -1.79 -13.39
C VAL B 46 -7.80 -0.56 -12.67
N LYS B 47 -8.67 0.01 -11.83
CA LYS B 47 -8.32 1.22 -11.09
C LYS B 47 -7.93 0.79 -9.67
N LEU B 48 -6.68 1.03 -9.30
CA LEU B 48 -6.12 0.35 -8.13
C LEU B 48 -6.18 1.22 -6.88
N GLU B 49 -7.24 1.03 -6.11
CA GLU B 49 -7.54 1.91 -5.02
C GLU B 49 -6.69 1.61 -3.79
N TYR B 50 -5.89 0.55 -3.87
CA TYR B 50 -4.99 0.27 -2.75
C TYR B 50 -3.73 1.12 -2.89
N PHE B 51 -3.65 1.96 -3.92
CA PHE B 51 -2.58 2.98 -3.96
C PHE B 51 -2.78 4.15 -2.99
N ASN B 52 -3.99 4.29 -2.46
CA ASN B 52 -4.28 5.19 -1.34
C ASN B 52 -3.37 4.92 -0.13
N PRO B 53 -3.15 5.93 0.73
CA PRO B 53 -2.16 5.76 1.82
C PRO B 53 -2.40 4.59 2.76
N MET B 54 -3.66 4.28 3.08
CA MET B 54 -3.96 3.09 3.88
C MET B 54 -4.53 1.94 3.06
N SER B 55 -4.21 1.99 1.76
CA SER B 55 -4.40 0.86 0.86
C SER B 55 -5.82 0.44 0.63
N SER B 56 -6.78 1.34 0.76
CA SER B 56 -8.08 0.98 0.25
C SER B 56 -8.89 2.16 -0.25
N VAL B 57 -9.88 1.85 -1.06
CA VAL B 57 -10.85 2.86 -1.52
C VAL B 57 -11.41 3.74 -0.35
N ASP B 59 -10.17 5.13 2.14
CA ASP B 59 -9.40 6.34 2.43
C ASP B 59 -10.14 7.57 1.91
N ARG B 60 -10.63 7.54 0.68
CA ARG B 60 -11.35 8.70 0.10
C ARG B 60 -12.57 9.04 0.98
N VAL B 61 -13.21 7.97 1.50
CA VAL B 61 -14.47 8.09 2.26
C VAL B 61 -14.25 8.64 3.71
N GLY B 62 -13.36 8.00 4.48
CA GLY B 62 -12.97 8.50 5.81
C GLY B 62 -12.57 9.97 5.75
N PHE B 63 -11.76 10.32 4.75
CA PHE B 63 -11.30 11.69 4.60
C PHE B 63 -12.45 12.66 4.32
N ASN B 64 -13.25 12.39 3.30
CA ASN B 64 -14.33 13.32 2.91
C ASN B 64 -15.38 13.47 4.03
N ILE B 65 -15.74 12.35 4.65
CA ILE B 65 -16.74 12.37 5.71
C ILE B 65 -16.27 13.26 6.86
N VAL B 66 -15.01 13.09 7.27
CA VAL B 66 -14.51 13.83 8.41
C VAL B 66 -14.23 15.29 8.04
N TYR B 67 -13.62 15.52 6.87
CA TYR B 67 -13.24 16.86 6.44
C TYR B 67 -14.50 17.72 6.19
N GLN B 68 -15.50 17.14 5.53
CA GLN B 68 -16.72 17.90 5.29
C GLN B 68 -17.45 18.23 6.61
N ALA B 69 -17.49 17.27 7.54
CA ALA B 69 -18.10 17.48 8.86
C ALA B 69 -17.43 18.59 9.65
N ILE B 70 -16.10 18.68 9.56
CA ILE B 70 -15.34 19.77 10.17
C ILE B 70 -15.67 21.12 9.49
N LYS B 71 -15.59 21.18 8.18
CA LYS B 71 -15.97 22.41 7.48
C LYS B 71 -17.44 22.80 7.78
N ASP B 72 -18.31 21.81 7.90
CA ASP B 72 -19.75 21.98 8.13
C ASP B 72 -20.16 22.40 9.52
N GLY B 73 -19.27 22.19 10.47
CA GLY B 73 -19.61 22.33 11.88
C GLY B 73 -20.32 21.13 12.45
N ARG B 74 -20.47 20.05 11.69
CA ARG B 74 -21.00 18.81 12.27
C ARG B 74 -19.99 18.13 13.19
N LEU B 75 -18.71 18.42 12.98
CA LEU B 75 -17.66 17.92 13.87
C LEU B 75 -16.90 19.15 14.36
N LYS B 76 -16.86 19.32 15.68
CA LYS B 76 -16.27 20.51 16.29
C LYS B 76 -15.34 20.14 17.43
N PRO B 77 -14.39 21.02 17.78
CA PRO B 77 -13.42 20.68 18.83
C PRO B 77 -14.14 20.26 20.11
N GLY B 78 -13.65 19.20 20.75
CA GLY B 78 -14.28 18.67 21.95
C GLY B 78 -15.15 17.47 21.62
N MET B 79 -15.61 17.39 20.37
CA MET B 79 -16.36 16.23 19.91
C MET B 79 -15.41 15.10 19.51
N GLU B 80 -15.95 13.89 19.35
CA GLU B 80 -15.19 12.72 18.92
C GLU B 80 -15.91 12.04 17.75
N ILE B 81 -15.14 11.40 16.85
CA ILE B 81 -15.71 10.61 15.75
C ILE B 81 -16.12 9.23 16.30
N ILE B 82 -17.22 8.68 15.79
CA ILE B 82 -17.60 7.33 16.14
C ILE B 82 -18.18 6.63 14.93
N GLU B 83 -17.95 5.33 14.84
CA GLU B 83 -18.59 4.51 13.80
C GLU B 83 -18.49 3.04 14.20
N SER B 84 -19.54 2.29 13.87
CA SER B 84 -19.53 0.84 13.93
C SER B 84 -19.08 0.32 12.57
N THR B 85 -17.93 -0.32 12.57
CA THR B 85 -17.29 -0.82 11.35
C THR B 85 -16.17 -1.73 11.86
N SER B 86 -15.94 -2.84 11.17
CA SER B 86 -14.77 -3.65 11.52
C SER B 86 -13.76 -3.69 10.37
N GLY B 87 -13.97 -2.83 9.36
CA GLY B 87 -13.18 -2.86 8.14
C GLY B 87 -12.37 -1.64 7.74
N ASN B 88 -12.29 -1.44 6.44
CA ASN B 88 -11.48 -0.40 5.87
C ASN B 88 -11.95 0.99 6.25
N THR B 89 -13.25 1.17 6.37
CA THR B 89 -13.80 2.45 6.82
C THR B 89 -13.23 2.89 8.19
N GLY B 90 -13.13 1.96 9.14
CA GLY B 90 -12.61 2.34 10.47
C GLY B 90 -11.16 2.79 10.34
N ILE B 91 -10.40 2.08 9.52
CA ILE B 91 -9.00 2.49 9.25
C ILE B 91 -8.95 3.87 8.61
N ALA B 92 -9.82 4.11 7.62
CA ALA B 92 -9.80 5.43 6.96
C ALA B 92 -10.18 6.54 7.94
N LEU B 93 -11.13 6.26 8.84
CA LEU B 93 -11.56 7.23 9.82
C LEU B 93 -10.44 7.51 10.84
N CYS B 94 -9.73 6.47 11.29
CA CYS B 94 -8.55 6.65 12.16
C CYS B 94 -7.44 7.51 11.51
N GLN B 95 -7.14 7.25 10.25
CA GLN B 95 -6.18 8.11 9.49
C GLN B 95 -6.61 9.59 9.46
N ALA B 96 -7.83 9.87 9.02
CA ALA B 96 -8.37 11.24 9.02
C ALA B 96 -8.34 11.85 10.43
N GLY B 97 -8.79 11.07 11.41
CA GLY B 97 -8.85 11.54 12.80
C GLY B 97 -7.48 11.88 13.38
N ALA B 98 -6.48 11.06 13.06
CA ALA B 98 -5.11 11.30 13.49
C ALA B 98 -4.58 12.61 12.93
N VAL B 99 -4.81 12.86 11.63
CA VAL B 99 -4.33 14.08 10.98
C VAL B 99 -5.03 15.35 11.51
N PHE B 100 -6.36 15.31 11.64
CA PHE B 100 -7.15 16.46 12.05
C PHE B 100 -7.05 16.69 13.56
N GLY B 101 -6.64 15.66 14.30
CA GLY B 101 -6.51 15.75 15.73
C GLY B 101 -7.83 15.47 16.43
N TYR B 102 -8.62 14.55 15.89
CA TYR B 102 -9.86 14.15 16.56
C TYR B 102 -9.78 12.74 17.08
N ARG B 103 -10.30 12.51 18.29
CA ARG B 103 -10.41 11.16 18.82
C ARG B 103 -11.37 10.39 17.94
N VAL B 104 -11.06 9.13 17.74
CA VAL B 104 -11.82 8.24 16.90
C VAL B 104 -12.18 7.05 17.75
N ASN B 105 -13.47 6.72 17.72
CA ASN B 105 -14.02 5.60 18.45
C ASN B 105 -14.55 4.59 17.42
N ILE B 106 -14.05 3.38 17.44
CA ILE B 106 -14.57 2.39 16.49
C ILE B 106 -15.19 1.26 17.27
N ALA B 107 -16.45 0.95 16.98
CA ALA B 107 -17.12 -0.18 17.63
C ALA B 107 -17.24 -1.34 16.65
N MET B 108 -16.95 -2.52 17.14
CA MET B 108 -16.97 -3.71 16.32
C MET B 108 -17.07 -4.90 17.26
N PRO B 109 -17.65 -6.03 16.79
CA PRO B 109 -17.69 -7.22 17.65
C PRO B 109 -16.26 -7.66 17.99
N SER B 110 -16.02 -8.03 19.25
CA SER B 110 -14.69 -8.50 19.70
C SER B 110 -14.19 -9.76 18.98
N THR B 111 -15.08 -10.46 18.26
CA THR B 111 -14.70 -11.59 17.41
C THR B 111 -13.80 -11.16 16.25
N MET B 112 -13.90 -9.90 15.84
CA MET B 112 -13.34 -9.48 14.56
C MET B 112 -11.81 -9.31 14.51
N SER B 113 -11.32 -9.12 13.28
CA SER B 113 -9.94 -8.73 12.97
C SER B 113 -8.83 -9.11 13.96
N VAL B 114 -8.69 -8.33 15.04
CA VAL B 114 -7.53 -8.38 15.96
C VAL B 114 -6.31 -7.74 15.30
N GLU B 115 -6.16 -7.99 14.01
CA GLU B 115 -5.19 -7.27 13.22
C GLU B 115 -5.68 -5.90 12.79
N ARG B 116 -6.92 -5.78 12.29
CA ARG B 116 -7.45 -4.44 11.98
C ARG B 116 -7.65 -3.64 13.26
N GLN B 117 -8.02 -4.34 14.34
CA GLN B 117 -8.02 -3.75 15.67
C GLN B 117 -6.67 -3.11 16.02
N MET B 118 -5.60 -3.88 15.84
CA MET B 118 -4.24 -3.36 16.07
C MET B 118 -3.95 -2.12 15.18
N ILE B 119 -4.32 -2.19 13.89
CA ILE B 119 -4.15 -1.04 12.97
C ILE B 119 -4.87 0.17 13.56
N MET B 120 -6.13 -0.02 13.91
CA MET B 120 -6.91 1.09 14.45
C MET B 120 -6.35 1.64 15.76
N LYS B 121 -5.91 0.75 16.66
CA LYS B 121 -5.20 1.20 17.89
C LYS B 121 -3.89 1.95 17.62
N ALA B 122 -3.08 1.44 16.70
CA ALA B 122 -1.83 2.13 16.30
C ALA B 122 -2.12 3.59 15.94
N PHE B 123 -3.27 3.83 15.31
CA PHE B 123 -3.67 5.19 14.95
C PHE B 123 -4.19 6.01 16.12
N GLY B 124 -4.29 5.37 17.28
CA GLY B 124 -4.74 6.05 18.49
C GLY B 124 -6.23 5.92 18.69
N ALA B 125 -6.89 5.05 17.92
CA ALA B 125 -8.33 4.89 18.11
C ALA B 125 -8.65 4.22 19.45
N GLU B 126 -9.76 4.65 20.03
CA GLU B 126 -10.43 3.90 21.09
C GLU B 126 -11.31 2.85 20.43
N LEU B 127 -11.13 1.59 20.82
CA LEU B 127 -11.97 0.50 20.32
C LEU B 127 -13.08 0.15 21.28
N ILE B 128 -14.25 -0.16 20.74
CA ILE B 128 -15.39 -0.51 21.55
C ILE B 128 -15.83 -1.91 21.15
N LEU B 129 -15.23 -2.89 21.82
CA LEU B 129 -15.41 -4.29 21.44
C LEU B 129 -16.72 -4.79 22.01
N THR B 130 -17.63 -5.14 21.13
CA THR B 130 -18.95 -5.56 21.57
C THR B 130 -19.08 -7.08 21.51
N GLU B 131 -20.22 -7.59 21.93
CA GLU B 131 -20.41 -9.01 22.14
C GLU B 131 -20.38 -9.77 20.82
N GLY B 132 -19.46 -10.72 20.74
CA GLY B 132 -19.22 -11.49 19.52
C GLY B 132 -20.44 -12.06 18.85
N LYS B 133 -21.34 -12.61 19.67
CA LYS B 133 -22.57 -13.28 19.20
C LYS B 133 -23.50 -12.31 18.51
N LYS B 134 -23.56 -11.09 19.02
CA LYS B 134 -24.41 -10.04 18.45
C LYS B 134 -23.94 -9.44 17.10
N GLY B 135 -22.71 -9.76 16.68
CA GLY B 135 -22.16 -9.23 15.40
C GLY B 135 -22.23 -7.71 15.28
N MET B 136 -22.30 -7.23 14.03
CA MET B 136 -22.34 -5.78 13.76
C MET B 136 -23.57 -5.06 14.34
N PRO B 137 -24.77 -5.69 14.29
CA PRO B 137 -25.89 -5.07 14.99
C PRO B 137 -25.58 -4.77 16.47
N GLY B 138 -24.76 -5.61 17.12
CA GLY B 138 -24.31 -5.34 18.50
C GLY B 138 -23.43 -4.09 18.62
N ALA B 139 -22.51 -3.92 17.67
CA ALA B 139 -21.67 -2.72 17.62
C ALA B 139 -22.51 -1.46 17.43
N ILE B 140 -23.41 -1.49 16.44
CA ILE B 140 -24.32 -0.37 16.14
C ILE B 140 -25.13 0.03 17.37
N GLU B 141 -25.60 -0.99 18.08
CA GLU B 141 -26.43 -0.83 19.28
C GLU B 141 -25.68 -0.04 20.36
N GLU B 142 -24.43 -0.43 20.63
CA GLU B 142 -23.57 0.23 21.61
C GLU B 142 -23.26 1.69 21.25
N VAL B 143 -23.02 1.95 19.97
CA VAL B 143 -22.80 3.33 19.48
C VAL B 143 -24.04 4.21 19.75
N ASN B 144 -25.21 3.68 19.43
CA ASN B 144 -26.49 4.35 19.67
C ASN B 144 -26.69 4.62 21.15
N LYS B 145 -26.35 3.62 21.97
CA LYS B 145 -26.33 3.73 23.41
C LYS B 145 -25.33 4.82 23.86
N MET B 146 -24.22 4.98 23.14
CA MET B 146 -23.19 5.96 23.52
C MET B 146 -23.62 7.37 23.16
N ILE B 147 -24.24 7.52 21.99
CA ILE B 147 -24.74 8.80 21.55
C ILE B 147 -25.85 9.26 22.49
N LYS B 148 -26.80 8.38 22.78
CA LYS B 148 -27.90 8.68 23.67
C LYS B 148 -27.42 9.11 25.07
N GLU B 149 -26.41 8.41 25.60
CA GLU B 149 -25.88 8.73 26.93
C GLU B 149 -24.94 9.93 26.94
N ASN B 150 -24.54 10.41 25.76
CA ASN B 150 -23.65 11.56 25.64
C ASN B 150 -24.05 12.49 24.50
N PRO B 151 -25.26 13.09 24.56
CA PRO B 151 -25.65 13.95 23.45
C PRO B 151 -24.67 15.11 23.25
N GLY B 152 -24.43 15.46 21.99
CA GLY B 152 -23.55 16.56 21.66
C GLY B 152 -22.10 16.15 21.47
N LYS B 153 -21.71 15.00 22.02
CA LYS B 153 -20.30 14.58 22.05
C LYS B 153 -19.78 13.91 20.75
N TYR B 154 -20.64 13.13 20.10
CA TYR B 154 -20.22 12.29 18.98
C TYR B 154 -20.69 12.74 17.60
N PHE B 155 -19.76 12.68 16.64
CA PHE B 155 -20.12 12.69 15.23
C PHE B 155 -20.07 11.26 14.69
N VAL B 156 -21.21 10.75 14.23
CA VAL B 156 -21.33 9.42 13.65
C VAL B 156 -21.03 9.47 12.16
N ALA B 157 -20.06 8.68 11.73
CA ALA B 157 -19.68 8.66 10.30
C ALA B 157 -20.85 8.26 9.39
N ASN B 158 -21.57 7.19 9.78
CA ASN B 158 -22.80 6.77 9.09
C ASN B 158 -22.55 6.42 7.60
N GLN B 159 -21.62 5.48 7.35
CA GLN B 159 -21.04 5.29 6.02
C GLN B 159 -22.09 4.88 4.98
N PHE B 160 -23.14 4.20 5.41
CA PHE B 160 -24.18 3.73 4.45
C PHE B 160 -25.27 4.77 4.17
N GLY B 161 -25.33 5.82 5.00
CA GLY B 161 -26.37 6.85 4.87
C GLY B 161 -25.78 8.23 4.57
N ASN B 162 -24.46 8.36 4.61
CA ASN B 162 -23.82 9.66 4.48
C ASN B 162 -23.48 10.04 3.03
N PRO B 163 -24.12 11.10 2.47
CA PRO B 163 -23.81 11.48 1.09
C PRO B 163 -22.36 11.95 0.83
N ASP B 164 -21.59 12.29 1.86
CA ASP B 164 -20.17 12.66 1.68
C ASP B 164 -19.30 11.46 1.29
N ASN B 165 -19.84 10.28 1.50
CA ASN B 165 -19.29 9.03 0.96
C ASN B 165 -19.41 9.06 -0.56
N THR B 166 -20.65 8.98 -1.06
CA THR B 166 -20.91 9.09 -2.49
C THR B 166 -20.12 10.22 -3.16
N ALA B 167 -20.14 11.40 -2.54
CA ALA B 167 -19.54 12.61 -3.14
C ALA B 167 -18.02 12.50 -3.35
N ALA B 168 -17.34 11.73 -2.48
CA ALA B 168 -15.88 11.51 -2.55
C ALA B 168 -15.52 10.92 -3.90
N HIS B 169 -16.41 10.09 -4.41
CA HIS B 169 -16.19 9.41 -5.67
C HIS B 169 -16.49 10.22 -6.90
N HIS B 170 -16.86 11.48 -6.72
CA HIS B 170 -16.81 12.41 -7.89
C HIS B 170 -15.35 12.56 -8.35
N TYR B 171 -14.41 12.45 -7.41
CA TYR B 171 -12.99 12.47 -7.78
C TYR B 171 -12.59 11.18 -8.50
N THR B 172 -13.08 10.06 -7.98
CA THR B 172 -12.86 8.76 -8.61
C THR B 172 -13.32 8.78 -10.09
N ALA B 173 -14.51 9.34 -10.33
CA ALA B 173 -15.06 9.46 -11.68
C ALA B 173 -14.19 10.35 -12.57
N ASN B 174 -13.78 11.51 -12.05
CA ASN B 174 -12.97 12.48 -12.83
C ASN B 174 -11.65 11.86 -13.26
N GLU B 175 -11.06 11.07 -12.35
CA GLU B 175 -9.79 10.38 -12.64
C GLU B 175 -10.00 9.37 -13.76
N ILE B 176 -11.08 8.61 -13.70
CA ILE B 176 -11.39 7.67 -14.78
C ILE B 176 -11.55 8.39 -16.13
N TRP B 177 -12.35 9.46 -16.13
CA TRP B 177 -12.57 10.29 -17.34
C TRP B 177 -11.27 10.83 -17.94
N GLU B 178 -10.46 11.45 -17.09
CA GLU B 178 -9.23 12.07 -17.51
C GLU B 178 -8.25 11.01 -17.96
N ASP B 179 -8.11 9.94 -17.18
CA ASP B 179 -7.11 8.93 -17.49
C ASP B 179 -7.46 8.19 -18.76
N THR B 180 -8.74 8.01 -19.06
CA THR B 180 -9.08 7.34 -20.32
C THR B 180 -9.29 8.34 -21.46
N ASP B 181 -9.00 9.61 -21.23
CA ASP B 181 -9.24 10.62 -22.25
C ASP B 181 -10.69 10.60 -22.77
N GLY B 182 -11.65 10.47 -21.88
CA GLY B 182 -13.04 10.38 -22.28
C GLY B 182 -13.46 9.12 -23.04
N GLU B 183 -12.60 8.11 -23.09
CA GLU B 183 -12.93 6.90 -23.85
C GLU B 183 -13.64 5.81 -23.04
N VAL B 184 -13.70 5.94 -21.72
CA VAL B 184 -14.37 4.91 -20.90
C VAL B 184 -15.79 4.62 -21.42
N ASP B 185 -16.13 3.33 -21.61
CA ASP B 185 -17.49 2.93 -21.99
C ASP B 185 -18.31 2.30 -20.88
N ILE B 186 -17.65 1.49 -20.03
CA ILE B 186 -18.31 0.68 -19.02
C ILE B 186 -17.50 0.78 -17.72
N VAL B 187 -18.18 1.00 -16.60
CA VAL B 187 -17.52 0.91 -15.28
C VAL B 187 -18.14 -0.20 -14.45
N VAL B 188 -17.28 -1.03 -13.85
CA VAL B 188 -17.68 -2.18 -13.01
C VAL B 188 -17.23 -1.93 -11.58
N SER B 189 -18.17 -1.97 -10.65
CA SER B 189 -17.87 -1.70 -9.23
C SER B 189 -18.62 -2.69 -8.35
N ALA B 190 -17.87 -3.48 -7.58
CA ALA B 190 -18.46 -4.32 -6.51
C ALA B 190 -19.01 -3.47 -5.34
N VAL B 191 -20.19 -3.78 -4.84
CA VAL B 191 -20.91 -2.82 -3.99
C VAL B 191 -20.87 -3.16 -2.51
N GLY B 192 -20.39 -2.25 -1.67
CA GLY B 192 -20.45 -2.44 -0.22
C GLY B 192 -21.39 -1.40 0.34
N THR B 193 -20.86 -0.19 0.56
CA THR B 193 -21.72 0.95 0.87
C THR B 193 -22.47 1.50 -0.34
N SER B 194 -21.92 1.25 -1.55
CA SER B 194 -22.37 1.80 -2.87
C SER B 194 -21.87 3.21 -3.14
N GLY B 195 -21.06 3.76 -2.25
CA GLY B 195 -20.51 5.10 -2.51
C GLY B 195 -19.77 5.14 -3.84
N THR B 196 -18.95 4.12 -4.11
CA THR B 196 -18.17 4.11 -5.37
C THR B 196 -19.07 4.05 -6.60
N VAL B 197 -19.97 3.07 -6.64
CA VAL B 197 -20.72 2.87 -7.88
C VAL B 197 -21.61 4.07 -8.21
N ILE B 198 -22.24 4.65 -7.19
CA ILE B 198 -23.20 5.74 -7.42
C ILE B 198 -22.45 7.06 -7.63
N GLY B 199 -21.42 7.30 -6.82
CA GLY B 199 -20.66 8.55 -6.92
C GLY B 199 -19.94 8.59 -8.26
N VAL B 200 -19.37 7.45 -8.65
CA VAL B 200 -18.77 7.36 -9.98
C VAL B 200 -19.82 7.56 -11.09
N ALA B 201 -20.94 6.84 -11.00
CA ALA B 201 -22.03 6.94 -11.96
C ALA B 201 -22.58 8.37 -12.13
N GLU B 202 -22.84 9.06 -11.03
CA GLU B 202 -23.34 10.42 -11.03
C GLU B 202 -22.48 11.35 -11.88
N LYS B 203 -21.21 11.34 -11.58
CA LYS B 203 -20.22 12.19 -12.19
C LYS B 203 -19.97 11.81 -13.63
N LEU B 204 -19.82 10.52 -13.92
CA LEU B 204 -19.58 10.11 -15.29
C LEU B 204 -20.79 10.35 -16.17
N LYS B 205 -21.99 10.15 -15.65
CA LYS B 205 -23.19 10.36 -16.47
C LYS B 205 -23.39 11.85 -16.78
N GLU B 206 -22.90 12.70 -15.89
CA GLU B 206 -22.74 14.14 -16.15
C GLU B 206 -21.82 14.41 -17.32
N LYS B 207 -20.78 13.57 -17.46
CA LYS B 207 -19.84 13.65 -18.59
C LYS B 207 -20.38 13.02 -19.89
N LYS B 208 -21.07 11.89 -19.79
CA LYS B 208 -21.43 11.09 -20.97
C LYS B 208 -22.56 10.14 -20.57
N LYS B 209 -23.78 10.42 -21.02
CA LYS B 209 -24.97 9.66 -20.60
C LYS B 209 -24.84 8.17 -20.99
N GLY B 210 -24.16 7.92 -22.09
CA GLY B 210 -24.02 6.57 -22.62
C GLY B 210 -23.18 5.58 -21.83
N ILE B 211 -22.44 6.03 -20.82
CA ILE B 211 -21.57 5.14 -20.06
C ILE B 211 -22.35 4.05 -19.30
N LYS B 212 -21.97 2.80 -19.45
CA LYS B 212 -22.72 1.74 -18.77
C LYS B 212 -22.15 1.47 -17.38
N ILE B 213 -23.00 1.50 -16.35
CA ILE B 213 -22.56 1.35 -14.97
C ILE B 213 -23.03 -0.01 -14.43
N ILE B 214 -22.09 -0.83 -13.98
CA ILE B 214 -22.41 -2.20 -13.59
C ILE B 214 -22.06 -2.39 -12.12
N ALA B 215 -23.05 -2.75 -11.29
CA ALA B 215 -22.79 -3.07 -9.89
C ALA B 215 -22.53 -4.57 -9.77
N VAL B 216 -21.69 -4.96 -8.81
CA VAL B 216 -21.40 -6.38 -8.56
C VAL B 216 -21.71 -6.70 -7.09
N GLU B 217 -22.34 -7.86 -6.86
CA GLU B 217 -22.66 -8.28 -5.52
C GLU B 217 -22.51 -9.80 -5.43
N PRO B 218 -22.40 -10.37 -4.21
CA PRO B 218 -22.26 -11.84 -4.09
C PRO B 218 -23.54 -12.53 -4.55
N GLU B 219 -23.40 -13.59 -5.32
CA GLU B 219 -24.57 -14.42 -5.66
C GLU B 219 -25.32 -14.94 -4.43
N GLU B 220 -24.59 -15.15 -3.32
CA GLU B 220 -25.13 -15.73 -2.09
C GLU B 220 -25.87 -14.66 -1.25
N SER B 221 -25.79 -13.40 -1.66
CA SER B 221 -26.47 -12.35 -0.91
C SER B 221 -26.83 -11.23 -1.88
N ALA B 222 -27.61 -11.59 -2.91
CA ALA B 222 -27.90 -10.66 -4.02
C ALA B 222 -29.05 -9.68 -3.72
N VAL B 223 -28.84 -8.84 -2.71
CA VAL B 223 -29.91 -7.96 -2.19
C VAL B 223 -30.28 -6.83 -3.17
N LEU B 224 -29.30 -6.36 -3.94
CA LEU B 224 -29.58 -5.32 -4.92
C LEU B 224 -30.55 -5.88 -5.97
N GLU B 225 -30.44 -7.18 -6.26
CA GLU B 225 -31.29 -7.79 -7.30
C GLU B 225 -32.59 -8.34 -6.69
N GLY B 226 -32.85 -8.00 -5.43
CA GLY B 226 -34.13 -8.28 -4.78
C GLY B 226 -34.14 -9.59 -4.02
N LYS B 227 -32.96 -10.19 -3.81
CA LYS B 227 -32.87 -11.44 -3.04
C LYS B 227 -32.66 -11.11 -1.56
N ALA B 228 -32.67 -12.12 -0.70
CA ALA B 228 -32.47 -11.89 0.73
C ALA B 228 -30.99 -11.91 1.14
N LYS B 229 -30.68 -11.30 2.28
CA LYS B 229 -29.33 -11.35 2.85
C LYS B 229 -28.99 -12.82 3.15
N GLY B 230 -27.78 -13.23 2.77
CA GLY B 230 -27.34 -14.61 3.01
C GLY B 230 -25.85 -14.61 3.32
N PRO B 231 -25.34 -15.71 3.90
CA PRO B 231 -23.90 -15.84 4.20
C PRO B 231 -23.11 -15.90 2.89
N HIS B 232 -21.94 -15.25 2.87
CA HIS B 232 -21.15 -15.17 1.66
C HIS B 232 -19.76 -14.87 2.17
N GLY B 233 -18.76 -15.06 1.33
CA GLY B 233 -17.39 -14.82 1.75
C GLY B 233 -16.64 -13.76 0.96
N ILE B 234 -17.35 -12.85 0.27
CA ILE B 234 -16.66 -11.73 -0.41
C ILE B 234 -16.53 -10.53 0.53
N GLN B 235 -15.43 -10.48 1.26
CA GLN B 235 -15.25 -9.43 2.25
C GLN B 235 -15.24 -8.04 1.61
N GLY B 236 -15.86 -7.10 2.31
CA GLY B 236 -16.00 -5.73 1.82
C GLY B 236 -17.28 -5.38 1.08
N ILE B 237 -18.02 -6.40 0.60
CA ILE B 237 -19.27 -6.18 -0.15
C ILE B 237 -20.42 -7.03 0.42
N GLY B 238 -21.56 -7.03 -0.23
CA GLY B 238 -22.69 -7.81 0.28
C GLY B 238 -23.06 -7.43 1.69
N ALA B 239 -23.48 -6.17 1.89
CA ALA B 239 -23.80 -5.71 3.26
C ALA B 239 -25.09 -6.35 3.84
N GLY B 240 -25.91 -6.94 2.98
CA GLY B 240 -27.12 -7.61 3.44
C GLY B 240 -28.35 -6.72 3.45
N PHE B 241 -28.21 -5.48 2.99
CA PHE B 241 -29.34 -4.53 2.86
C PHE B 241 -28.99 -3.58 1.72
N ILE B 242 -29.96 -2.78 1.28
CA ILE B 242 -29.68 -1.76 0.27
C ILE B 242 -29.32 -0.47 1.00
N PRO B 243 -28.08 0.00 0.83
CA PRO B 243 -27.67 1.21 1.57
C PRO B 243 -28.56 2.39 1.19
N ASP B 244 -28.77 3.30 2.15
CA ASP B 244 -29.62 4.47 1.91
C ASP B 244 -28.99 5.39 0.86
N ILE B 245 -27.68 5.30 0.67
CA ILE B 245 -27.03 6.15 -0.34
C ILE B 245 -27.11 5.58 -1.75
N TYR B 246 -27.60 4.36 -1.86
CA TYR B 246 -27.78 3.73 -3.16
C TYR B 246 -28.86 4.41 -3.99
N LYS B 247 -28.58 4.60 -5.26
CA LYS B 247 -29.55 5.14 -6.20
C LYS B 247 -29.66 4.27 -7.44
N LYS B 248 -30.67 3.43 -7.49
CA LYS B 248 -30.83 2.43 -8.55
C LYS B 248 -30.89 3.02 -9.95
N GLU B 249 -31.35 4.26 -10.07
CA GLU B 249 -31.45 4.96 -11.36
C GLU B 249 -30.08 5.04 -12.05
N PHE B 250 -29.01 5.08 -11.25
CA PHE B 250 -27.67 5.27 -11.82
C PHE B 250 -26.97 3.99 -12.21
N VAL B 251 -27.58 2.85 -11.87
CA VAL B 251 -27.00 1.54 -12.13
C VAL B 251 -27.74 0.85 -13.26
N ASP B 252 -26.99 0.45 -14.29
CA ASP B 252 -27.55 -0.11 -15.51
C ASP B 252 -27.72 -1.61 -15.46
N GLU B 253 -26.75 -2.31 -14.86
CA GLU B 253 -26.85 -3.76 -14.74
C GLU B 253 -26.23 -4.17 -13.40
N ILE B 254 -26.74 -5.25 -12.83
CA ILE B 254 -26.19 -5.85 -11.61
C ILE B 254 -25.73 -7.26 -11.92
N ILE B 255 -24.47 -7.56 -11.62
CA ILE B 255 -23.91 -8.91 -11.86
C ILE B 255 -23.62 -9.61 -10.52
N PRO B 256 -24.28 -10.77 -10.31
CA PRO B 256 -24.01 -11.58 -9.12
C PRO B 256 -22.81 -12.47 -9.39
N ILE B 257 -21.91 -12.58 -8.42
CA ILE B 257 -20.70 -13.41 -8.58
C ILE B 257 -20.59 -14.32 -7.38
N LYS B 258 -20.42 -15.63 -7.59
CA LYS B 258 -20.19 -16.57 -6.48
C LYS B 258 -18.91 -16.25 -5.69
N THR B 259 -19.00 -16.30 -4.35
CA THR B 259 -17.83 -16.14 -3.49
C THR B 259 -16.59 -16.92 -4.01
N GLN B 260 -16.77 -18.19 -4.35
CA GLN B 260 -15.61 -19.03 -4.72
C GLN B 260 -14.98 -18.57 -6.03
N ASP B 261 -15.80 -18.09 -6.95
CA ASP B 261 -15.34 -17.56 -8.23
C ASP B 261 -14.56 -16.26 -8.06
N ALA B 262 -15.08 -15.38 -7.20
CA ALA B 262 -14.42 -14.12 -6.84
C ALA B 262 -13.00 -14.41 -6.32
N TRP B 263 -12.89 -15.35 -5.38
CA TRP B 263 -11.55 -15.71 -4.86
C TRP B 263 -10.64 -16.31 -5.92
N LYS B 264 -11.19 -17.21 -6.72
CA LYS B 264 -10.45 -17.80 -7.84
C LYS B 264 -10.00 -16.78 -8.90
N MET B 265 -10.84 -15.81 -9.20
CA MET B 265 -10.42 -14.71 -10.11
C MET B 265 -9.23 -13.90 -9.55
N ALA B 266 -9.29 -13.55 -8.25
CA ALA B 266 -8.23 -12.81 -7.60
C ALA B 266 -6.93 -13.61 -7.64
N ARG B 267 -7.01 -14.92 -7.47
CA ARG B 267 -5.81 -15.75 -7.58
C ARG B 267 -5.18 -15.65 -8.98
N ALA B 268 -6.02 -15.69 -10.01
CA ALA B 268 -5.55 -15.59 -11.39
C ALA B 268 -4.95 -14.22 -11.71
N VAL B 269 -5.57 -13.16 -11.19
CA VAL B 269 -5.08 -11.80 -11.43
C VAL B 269 -3.64 -11.62 -10.88
N VAL B 270 -3.40 -12.02 -9.63
CA VAL B 270 -2.02 -11.87 -9.07
C VAL B 270 -1.05 -12.78 -9.81
N LYS B 271 -1.51 -13.98 -10.17
CA LYS B 271 -0.64 -14.92 -10.92
C LYS B 271 -0.31 -14.44 -12.34
N TYR B 272 -1.31 -14.03 -13.11
CA TYR B 272 -1.05 -13.75 -14.52
C TYR B 272 -0.85 -12.28 -14.88
N ASP B 273 -1.25 -11.37 -13.99
CA ASP B 273 -0.92 -9.95 -14.23
C ASP B 273 -0.01 -9.34 -13.17
N GLY B 274 0.28 -10.09 -12.09
CA GLY B 274 1.17 -9.58 -11.07
C GLY B 274 0.54 -8.48 -10.24
N ILE B 275 -0.79 -8.48 -10.19
CA ILE B 275 -1.58 -7.48 -9.48
C ILE B 275 -2.26 -8.16 -8.31
N MET B 276 -1.86 -7.77 -7.09
CA MET B 276 -2.34 -8.47 -5.90
C MET B 276 -3.62 -7.85 -5.34
N CYS B 277 -4.74 -8.14 -5.99
CA CYS B 277 -6.02 -7.58 -5.61
C CYS B 277 -6.73 -8.42 -4.54
N GLY B 278 -7.64 -7.77 -3.81
CA GLY B 278 -8.46 -8.41 -2.79
C GLY B 278 -9.64 -9.17 -3.40
N MET B 279 -10.49 -9.66 -2.51
CA MET B 279 -11.60 -10.57 -2.81
C MET B 279 -12.68 -9.87 -3.64
N SER B 280 -13.08 -8.69 -3.21
CA SER B 280 -14.12 -7.96 -3.91
C SER B 280 -13.62 -7.53 -5.31
N SER B 281 -12.33 -7.32 -5.44
CA SER B 281 -11.72 -7.08 -6.76
C SER B 281 -11.83 -8.28 -7.68
N GLY B 282 -11.67 -9.48 -7.10
CA GLY B 282 -11.83 -10.71 -7.85
C GLY B 282 -13.23 -10.74 -8.48
N ALA B 283 -14.25 -10.38 -7.71
CA ALA B 283 -15.65 -10.35 -8.18
C ALA B 283 -15.84 -9.30 -9.26
N ALA B 284 -15.36 -8.08 -9.02
CA ALA B 284 -15.48 -7.00 -10.01
C ALA B 284 -14.78 -7.37 -11.32
N ILE B 285 -13.60 -7.98 -11.22
CA ILE B 285 -12.82 -8.29 -12.42
C ILE B 285 -13.54 -9.39 -13.23
N LEU B 286 -14.08 -10.39 -12.54
CA LEU B 286 -14.73 -11.50 -13.28
C LEU B 286 -15.93 -10.97 -14.03
N ALA B 287 -16.75 -10.15 -13.37
CA ALA B 287 -17.85 -9.44 -14.03
C ALA B 287 -17.40 -8.64 -15.25
N GLY B 288 -16.26 -7.95 -15.11
CA GLY B 288 -15.71 -7.15 -16.19
C GLY B 288 -15.26 -8.03 -17.36
N LEU B 289 -14.66 -9.17 -17.03
CA LEU B 289 -14.25 -10.12 -18.05
C LEU B 289 -15.47 -10.71 -18.79
N LYS B 290 -16.50 -11.03 -18.04
CA LYS B 290 -17.77 -11.46 -18.60
C LYS B 290 -18.36 -10.41 -19.56
N GLU B 291 -18.29 -9.12 -19.19
CA GLU B 291 -18.62 -8.05 -20.15
C GLU B 291 -17.75 -7.99 -21.38
N ALA B 292 -16.44 -8.16 -21.19
CA ALA B 292 -15.47 -8.05 -22.29
C ALA B 292 -15.63 -9.12 -23.37
N GLU B 293 -16.30 -10.22 -23.03
CA GLU B 293 -16.46 -11.31 -24.00
C GLU B 293 -17.78 -11.21 -24.78
N LYS B 294 -18.65 -10.29 -24.41
CA LYS B 294 -19.90 -10.10 -25.16
C LYS B 294 -19.59 -9.46 -26.51
N PRO B 295 -20.16 -10.02 -27.60
CA PRO B 295 -19.85 -9.43 -28.92
C PRO B 295 -20.20 -7.94 -29.04
N GLU B 296 -21.31 -7.49 -28.44
CA GLU B 296 -21.66 -6.05 -28.48
C GLU B 296 -20.67 -5.13 -27.76
N ASN B 297 -19.73 -5.70 -26.99
CA ASN B 297 -18.72 -4.88 -26.27
C ASN B 297 -17.34 -4.84 -26.95
N GLU B 298 -17.21 -5.44 -28.14
CA GLU B 298 -15.92 -5.44 -28.84
C GLU B 298 -15.38 -4.03 -29.04
N GLY B 299 -14.11 -3.84 -28.72
CA GLY B 299 -13.47 -2.56 -28.92
C GLY B 299 -13.77 -1.53 -27.83
N LYS B 300 -14.64 -1.86 -26.88
CA LYS B 300 -14.99 -0.89 -25.83
C LYS B 300 -13.91 -0.78 -24.73
N THR B 301 -13.96 0.31 -23.95
CA THR B 301 -13.05 0.47 -22.82
C THR B 301 -13.77 0.21 -21.51
N ILE B 302 -13.29 -0.82 -20.79
CA ILE B 302 -13.98 -1.26 -19.58
C ILE B 302 -13.08 -0.96 -18.38
N VAL B 303 -13.63 -0.28 -17.41
CA VAL B 303 -12.86 0.10 -16.22
C VAL B 303 -13.48 -0.60 -15.02
N ILE B 304 -12.63 -1.23 -14.22
CA ILE B 304 -13.04 -2.04 -13.12
C ILE B 304 -12.38 -1.49 -11.84
N ILE B 305 -13.18 -1.17 -10.85
CA ILE B 305 -12.64 -0.71 -9.57
C ILE B 305 -12.01 -1.88 -8.79
N VAL B 306 -10.77 -1.69 -8.35
CA VAL B 306 -10.06 -2.63 -7.45
C VAL B 306 -9.89 -1.98 -6.07
N PRO B 307 -10.76 -2.33 -5.10
CA PRO B 307 -10.84 -1.56 -3.85
C PRO B 307 -9.76 -1.81 -2.79
N SER B 308 -9.12 -2.97 -2.82
CA SER B 308 -8.15 -3.32 -1.79
C SER B 308 -7.13 -4.28 -2.36
N CYS B 309 -6.09 -4.55 -1.55
CA CYS B 309 -4.93 -5.38 -1.91
C CYS B 309 -5.08 -6.74 -1.20
N GLY B 310 -4.71 -7.83 -1.86
CA GLY B 310 -4.62 -9.14 -1.23
C GLY B 310 -3.88 -9.32 0.10
N GLU B 311 -2.86 -8.50 0.37
CA GLU B 311 -2.11 -8.53 1.63
C GLU B 311 -2.99 -8.42 2.90
N ARG B 312 -4.07 -7.68 2.79
CA ARG B 312 -5.01 -7.53 3.91
C ARG B 312 -5.87 -8.80 4.14
N TYR B 313 -5.64 -9.86 3.34
CA TYR B 313 -6.49 -11.08 3.34
C TYR B 313 -5.72 -12.38 3.64
N LEU B 314 -4.46 -12.22 4.04
CA LEU B 314 -3.59 -13.38 4.23
C LEU B 314 -4.15 -14.34 5.30
N SER B 315 -4.78 -13.78 6.34
CA SER B 315 -5.37 -14.61 7.42
C SER B 315 -6.69 -15.27 7.01
N THR B 316 -7.14 -15.00 5.77
CA THR B 316 -8.36 -15.61 5.23
C THR B 316 -8.02 -16.80 4.34
N ASP B 317 -9.05 -17.33 3.69
CA ASP B 317 -8.95 -18.43 2.74
C ASP B 317 -8.62 -18.02 1.28
N LEU B 318 -8.51 -16.72 1.02
CA LEU B 318 -8.24 -16.24 -0.35
C LEU B 318 -7.21 -17.11 -1.09
N TYR B 319 -6.02 -17.26 -0.50
CA TYR B 319 -4.93 -18.01 -1.15
C TYR B 319 -4.74 -19.45 -0.65
N LYS B 320 -5.74 -20.03 0.02
CA LYS B 320 -5.70 -21.46 0.43
C LYS B 320 -5.82 -22.44 -0.75
N ILE B 321 -6.97 -22.44 -1.41
CA ILE B 321 -7.24 -23.31 -2.57
C ILE B 321 -6.17 -23.21 -3.65
N LYS B 322 -5.70 -24.38 -4.10
CA LYS B 322 -4.73 -24.47 -5.18
C LYS B 322 -5.45 -24.89 -6.45
N ASP B 323 -5.67 -23.92 -7.33
CA ASP B 323 -6.30 -24.15 -8.63
C ASP B 323 -5.41 -24.99 -9.54
N GLU B 324 -6.03 -25.80 -10.39
CA GLU B 324 -5.29 -26.65 -11.31
C GLU B 324 -5.61 -26.31 -12.75
N GLY B 325 -4.78 -26.81 -13.67
CA GLY B 325 -4.95 -26.55 -15.09
C GLY B 325 -4.07 -25.43 -15.57
N THR B 326 -3.96 -25.29 -16.88
CA THR B 326 -3.30 -24.15 -17.52
C THR B 326 -4.02 -22.82 -17.23
N LYS B 327 -3.46 -21.71 -17.68
CA LYS B 327 -4.10 -20.41 -17.59
C LYS B 327 -5.43 -20.42 -18.36
N ILE B 328 -5.37 -20.80 -19.64
CA ILE B 328 -6.57 -20.90 -20.47
C ILE B 328 -7.65 -21.76 -19.79
N GLN B 329 -7.23 -22.79 -19.05
CA GLN B 329 -8.15 -23.67 -18.34
C GLN B 329 -8.80 -22.95 -17.17
N ILE B 330 -7.99 -22.23 -16.40
CA ILE B 330 -8.48 -21.44 -15.26
C ILE B 330 -9.53 -20.46 -15.76
N LEU B 331 -9.20 -19.74 -16.83
CA LEU B 331 -10.06 -18.68 -17.36
C LEU B 331 -11.37 -19.21 -17.96
N ASP B 332 -11.28 -20.38 -18.62
CA ASP B 332 -12.46 -21.08 -19.14
C ASP B 332 -13.42 -21.46 -18.04
N SER B 333 -12.89 -21.99 -16.93
CA SER B 333 -13.74 -22.37 -15.80
C SER B 333 -14.37 -21.15 -15.13
N LEU B 334 -13.68 -20.01 -15.22
CA LEU B 334 -14.22 -18.75 -14.68
C LEU B 334 -15.34 -18.24 -15.57
N LEU B 335 -15.08 -18.14 -16.87
CA LEU B 335 -16.10 -17.74 -17.82
C LEU B 335 -17.09 -18.87 -18.09
#